data_7O9F
#
_entry.id   7O9F
#
_cell.length_a   163.280
_cell.length_b   163.280
_cell.length_c   93.470
_cell.angle_alpha   90.00
_cell.angle_beta   90.00
_cell.angle_gamma   90.00
#
_symmetry.space_group_name_H-M   'P 41 21 2'
#
loop_
_entity.id
_entity.type
_entity.pdbx_description
1 polymer 'Signal recognition particle protein'
2 non-polymer "GUANOSINE-5',3'-TETRAPHOSPHATE"
3 non-polymer 'MAGNESIUM ION'
4 water water
#
_entity_poly.entity_id   1
_entity_poly.type   'polypeptide(L)'
_entity_poly.pdbx_seq_one_letter_code
;MGHHHHHHMGFEGLADRLQQTISKIRGKGKVSEQDVKEMMREVRLALLEADVNFKVVKDFVKKVSERAVGQDVMKSLTPG
QQVIKVVQEELTELMGGEESKIAVAKRPPTVIMMVGLQGAGKTTTSGKLANLLRKKHNRKPMLVAADIYRPAAIKQLETL
GKQLDMPVFSLGDQVSPVEIAKQAIEKAKEEHYDYVILDTAGRLHIDHELMDELTNVKEIANPEEIFLVVDSMTGQDAVN
VAKSFNEQLGLTGVVLTKLDGDTRGGAALSIRAVTNTPIKFAGLGEKLDALEPFHPERMASRILGMGDLE
;
_entity_poly.pdbx_strand_id   A,B,C
#
loop_
_chem_comp.id
_chem_comp.type
_chem_comp.name
_chem_comp.formula
G4P RNA linking GUANOSINE-5',3'-TETRAPHOSPHATE 'C10 H17 N5 O17 P4'
MG non-polymer 'MAGNESIUM ION' 'Mg 2'
#
# COMPACT_ATOMS: atom_id res chain seq x y z
N MET A 9 -19.97 -8.76 10.40
CA MET A 9 -18.54 -8.61 10.16
C MET A 9 -18.20 -7.16 9.80
N GLY A 10 -16.91 -6.87 9.75
CA GLY A 10 -16.42 -5.60 9.22
C GLY A 10 -15.79 -4.72 10.28
N PHE A 11 -14.80 -3.92 9.86
CA PHE A 11 -14.24 -2.81 10.61
C PHE A 11 -13.49 -3.22 11.87
N GLU A 12 -13.15 -4.48 12.03
CA GLU A 12 -12.55 -4.93 13.32
C GLU A 12 -11.33 -4.09 13.72
N GLY A 13 -10.42 -3.84 12.79
CA GLY A 13 -9.19 -3.07 13.09
C GLY A 13 -9.41 -1.63 13.49
N LEU A 14 -10.31 -0.93 12.80
CA LEU A 14 -10.55 0.50 13.11
C LEU A 14 -11.10 0.58 14.53
N ALA A 15 -11.98 -0.34 14.88
CA ALA A 15 -12.58 -0.34 16.23
C ALA A 15 -11.50 -0.56 17.28
N ASP A 16 -10.55 -1.46 17.00
CA ASP A 16 -9.46 -1.75 17.96
C ASP A 16 -8.59 -0.51 18.15
N ARG A 17 -8.26 0.17 17.06
CA ARG A 17 -7.40 1.37 17.12
C ARG A 17 -8.11 2.48 17.89
N LEU A 18 -9.43 2.56 17.74
CA LEU A 18 -10.19 3.66 18.37
C LEU A 18 -10.66 3.30 19.78
N GLN A 19 -10.43 2.08 20.25
CA GLN A 19 -11.03 1.67 21.56
C GLN A 19 -10.56 2.57 22.70
N GLN A 20 -9.26 2.86 22.78
CA GLN A 20 -8.74 3.64 23.93
C GLN A 20 -9.25 5.06 23.82
N THR A 21 -9.02 5.71 22.68
CA THR A 21 -9.46 7.08 22.52
C THR A 21 -10.93 7.24 22.90
N ILE A 22 -11.79 6.36 22.38
CA ILE A 22 -13.22 6.50 22.61
C ILE A 22 -13.59 6.15 24.05
N SER A 23 -13.01 5.08 24.61
CA SER A 23 -13.36 4.67 25.96
C SER A 23 -12.95 5.71 26.98
N LYS A 24 -11.78 6.34 26.78
CA LYS A 24 -11.34 7.41 27.67
C LYS A 24 -12.40 8.50 27.78
N ILE A 25 -12.97 8.91 26.64
CA ILE A 25 -14.07 9.87 26.66
C ILE A 25 -15.28 9.28 27.38
N ARG A 26 -15.58 8.01 27.12
CA ARG A 26 -16.77 7.38 27.70
C ARG A 26 -16.66 7.30 29.22
N GLY A 27 -15.46 7.06 29.74
CA GLY A 27 -15.27 6.81 31.16
C GLY A 27 -15.24 8.04 32.04
N LYS A 28 -15.12 9.23 31.46
CA LYS A 28 -15.07 10.47 32.23
C LYS A 28 -16.44 11.14 32.26
N GLY A 29 -16.64 11.96 33.29
CA GLY A 29 -17.92 12.63 33.48
C GLY A 29 -17.90 14.09 33.11
N LYS A 30 -16.71 14.63 32.83
CA LYS A 30 -16.56 16.01 32.39
C LYS A 30 -15.49 16.04 31.31
N VAL A 31 -15.84 16.50 30.12
CA VAL A 31 -14.93 16.53 28.99
C VAL A 31 -14.46 17.95 28.76
N SER A 32 -13.16 18.17 28.93
CA SER A 32 -12.60 19.47 28.60
C SER A 32 -12.49 19.61 27.09
N GLU A 33 -12.28 20.84 26.65
CA GLU A 33 -12.06 21.09 25.23
C GLU A 33 -10.73 20.50 24.78
N GLN A 34 -9.77 20.41 25.70
CA GLN A 34 -8.51 19.74 25.39
C GLN A 34 -8.71 18.23 25.24
N ASP A 35 -9.69 17.66 25.95
CA ASP A 35 -9.99 16.24 25.78
C ASP A 35 -10.55 15.95 24.39
N VAL A 36 -11.46 16.80 23.91
CA VAL A 36 -12.06 16.60 22.60
C VAL A 36 -11.02 16.74 21.50
N LYS A 37 -10.16 17.76 21.61
CA LYS A 37 -9.09 17.93 20.64
C LYS A 37 -8.14 16.74 20.65
N GLU A 38 -7.82 16.22 21.83
CA GLU A 38 -6.94 15.06 21.92
C GLU A 38 -7.60 13.82 21.33
N MET A 39 -8.89 13.62 21.61
CA MET A 39 -9.61 12.54 20.95
C MET A 39 -9.63 12.72 19.45
N MET A 40 -9.74 13.97 18.98
CA MET A 40 -9.90 14.19 17.55
C MET A 40 -8.61 13.99 16.77
N ARG A 41 -7.44 14.29 17.37
CA ARG A 41 -6.22 14.03 16.62
C ARG A 41 -6.00 12.53 16.47
N GLU A 42 -6.45 11.75 17.46
CA GLU A 42 -6.27 10.30 17.38
C GLU A 42 -7.33 9.64 16.53
N VAL A 43 -8.54 10.22 16.48
CA VAL A 43 -9.55 9.73 15.55
C VAL A 43 -9.13 10.00 14.11
N ARG A 44 -8.68 11.23 13.84
CA ARG A 44 -8.11 11.56 12.54
C ARG A 44 -7.05 10.54 12.14
N LEU A 45 -6.14 10.22 13.07
CA LEU A 45 -5.04 9.31 12.77
C LEU A 45 -5.55 7.91 12.46
N ALA A 46 -6.55 7.43 13.20
CA ALA A 46 -7.06 6.08 12.98
C ALA A 46 -7.79 5.99 11.64
N LEU A 47 -8.56 7.02 11.29
CA LEU A 47 -9.24 7.01 9.99
C LEU A 47 -8.25 7.02 8.84
N LEU A 48 -7.17 7.79 8.97
CA LEU A 48 -6.17 7.85 7.91
C LEU A 48 -5.43 6.52 7.78
N GLU A 49 -5.14 5.87 8.92
CA GLU A 49 -4.46 4.58 8.85
C GLU A 49 -5.38 3.49 8.31
N ALA A 50 -6.69 3.65 8.45
CA ALA A 50 -7.67 2.72 7.90
C ALA A 50 -7.95 2.97 6.42
N ASP A 51 -7.17 3.84 5.78
CA ASP A 51 -7.26 4.12 4.35
C ASP A 51 -8.57 4.82 3.96
N VAL A 52 -9.17 5.57 4.89
CA VAL A 52 -10.26 6.46 4.52
C VAL A 52 -9.69 7.62 3.71
N ASN A 53 -10.40 8.01 2.65
CA ASN A 53 -9.98 9.10 1.79
C ASN A 53 -9.68 10.35 2.62
N PHE A 54 -8.50 10.94 2.39
CA PHE A 54 -8.02 11.94 3.33
C PHE A 54 -8.81 13.24 3.23
N LYS A 55 -9.47 13.51 2.10
CA LYS A 55 -10.37 14.66 2.13
C LYS A 55 -11.64 14.37 2.90
N VAL A 56 -12.10 13.13 2.89
CA VAL A 56 -13.26 12.79 3.71
C VAL A 56 -12.92 12.92 5.18
N VAL A 57 -11.72 12.50 5.58
CA VAL A 57 -11.31 12.63 6.99
C VAL A 57 -11.27 14.08 7.40
N LYS A 58 -10.78 14.95 6.51
CA LYS A 58 -10.68 16.37 6.84
C LYS A 58 -12.03 16.96 7.13
N ASP A 59 -13.00 16.74 6.23
CA ASP A 59 -14.35 17.24 6.45
C ASP A 59 -14.97 16.64 7.71
N PHE A 60 -14.74 15.35 7.93
CA PHE A 60 -15.33 14.68 9.09
C PHE A 60 -14.81 15.28 10.39
N VAL A 61 -13.51 15.52 10.46
CA VAL A 61 -12.91 16.04 11.72
C VAL A 61 -13.52 17.41 12.01
N LYS A 62 -13.57 18.28 11.00
CA LYS A 62 -14.07 19.65 11.23
C LYS A 62 -15.54 19.60 11.65
N LYS A 63 -16.34 18.79 10.98
CA LYS A 63 -17.79 18.80 11.29
C LYS A 63 -17.97 18.34 12.73
N VAL A 64 -17.28 17.28 13.12
CA VAL A 64 -17.44 16.74 14.50
C VAL A 64 -16.89 17.76 15.49
N SER A 65 -15.72 18.33 15.20
CA SER A 65 -15.09 19.25 16.18
C SER A 65 -15.97 20.47 16.40
N GLU A 66 -16.54 21.02 15.34
CA GLU A 66 -17.35 22.25 15.52
C GLU A 66 -18.54 21.93 16.41
N ARG A 67 -19.21 20.81 16.17
CA ARG A 67 -20.42 20.47 16.95
C ARG A 67 -20.00 20.06 18.37
N ALA A 68 -18.89 19.34 18.50
CA ALA A 68 -18.46 18.82 19.82
C ALA A 68 -18.16 19.97 20.79
N VAL A 69 -17.46 21.01 20.32
CA VAL A 69 -17.21 22.19 21.20
C VAL A 69 -18.41 23.12 21.12
N GLY A 70 -19.53 22.71 21.72
CA GLY A 70 -20.77 23.51 21.63
C GLY A 70 -21.60 23.35 22.89
N GLN A 71 -22.91 23.19 22.73
CA GLN A 71 -23.80 22.95 23.89
C GLN A 71 -23.36 21.66 24.59
N ASP A 72 -22.84 20.68 23.83
CA ASP A 72 -22.50 19.37 24.43
C ASP A 72 -21.45 19.55 25.54
N VAL A 73 -20.40 20.31 25.31
CA VAL A 73 -19.36 20.39 26.38
C VAL A 73 -19.95 21.15 27.58
N MET A 74 -20.64 22.25 27.33
CA MET A 74 -21.15 23.10 28.45
C MET A 74 -22.26 22.40 29.25
N LYS A 75 -23.20 21.71 28.59
CA LYS A 75 -24.22 20.96 29.37
C LYS A 75 -23.50 19.75 29.98
N SER A 76 -23.61 19.55 31.29
CA SER A 76 -22.81 18.47 31.94
C SER A 76 -23.68 17.31 32.39
N LEU A 77 -24.95 17.24 31.98
CA LEU A 77 -25.73 16.09 32.50
C LEU A 77 -25.05 14.82 31.98
N THR A 78 -24.68 14.79 30.70
CA THR A 78 -23.91 13.65 30.14
C THR A 78 -22.98 14.19 29.06
N PRO A 79 -21.91 14.95 29.37
CA PRO A 79 -21.08 15.57 28.34
C PRO A 79 -20.40 14.53 27.46
N GLY A 80 -19.88 13.46 28.08
CA GLY A 80 -19.21 12.39 27.32
C GLY A 80 -20.17 11.70 26.39
N GLN A 81 -21.40 11.49 26.84
CA GLN A 81 -22.42 10.81 26.01
C GLN A 81 -22.67 11.66 24.78
N GLN A 82 -22.64 12.98 24.93
CA GLN A 82 -22.91 13.89 23.79
C GLN A 82 -21.74 13.88 22.79
N VAL A 83 -20.49 13.83 23.25
CA VAL A 83 -19.40 13.72 22.29
C VAL A 83 -19.54 12.45 21.47
N ILE A 84 -19.94 11.35 22.11
CA ILE A 84 -20.06 10.07 21.40
C ILE A 84 -21.27 10.10 20.46
N LYS A 85 -22.36 10.71 20.88
CA LYS A 85 -23.55 10.82 20.03
C LYS A 85 -23.22 11.51 18.71
N VAL A 86 -22.45 12.60 18.78
CA VAL A 86 -22.11 13.35 17.57
C VAL A 86 -21.27 12.49 16.63
N VAL A 87 -20.30 11.75 17.18
CA VAL A 87 -19.46 10.88 16.36
C VAL A 87 -20.30 9.80 15.70
N GLN A 88 -21.20 9.18 16.47
CA GLN A 88 -22.11 8.18 15.90
C GLN A 88 -23.00 8.81 14.83
N GLU A 89 -23.56 9.99 15.12
CA GLU A 89 -24.42 10.65 14.14
C GLU A 89 -23.64 10.98 12.87
N GLU A 90 -22.43 11.50 12.99
CA GLU A 90 -21.67 11.89 11.81
C GLU A 90 -21.16 10.68 11.05
N LEU A 91 -20.77 9.62 11.76
CA LEU A 91 -20.42 8.38 11.08
C LEU A 91 -21.62 7.83 10.31
N THR A 92 -22.80 7.87 10.93
CA THR A 92 -24.01 7.39 10.27
C THR A 92 -24.32 8.20 9.02
N GLU A 93 -24.25 9.53 9.12
CA GLU A 93 -24.50 10.38 7.96
C GLU A 93 -23.49 10.12 6.85
N LEU A 94 -22.21 9.98 7.22
CA LEU A 94 -21.15 9.74 6.24
C LEU A 94 -21.45 8.52 5.38
N MET A 95 -21.98 7.45 5.98
CA MET A 95 -22.22 6.21 5.26
C MET A 95 -23.61 6.13 4.65
N GLY A 96 -24.46 7.15 4.83
CA GLY A 96 -25.70 7.22 4.07
C GLY A 96 -26.97 7.44 4.86
N GLY A 97 -26.87 7.54 6.18
CA GLY A 97 -28.03 7.71 7.02
C GLY A 97 -28.86 6.46 7.15
N GLU A 98 -29.98 6.41 6.43
CA GLU A 98 -30.90 5.28 6.53
C GLU A 98 -30.56 4.24 5.45
N GLU A 99 -31.02 3.01 5.68
CA GLU A 99 -30.78 1.94 4.71
C GLU A 99 -31.36 2.31 3.35
N SER A 100 -30.62 1.98 2.30
CA SER A 100 -31.03 2.29 0.92
C SER A 100 -31.61 1.03 0.31
N LYS A 101 -32.94 0.99 0.18
CA LYS A 101 -33.65 -0.20 -0.27
C LYS A 101 -33.64 -0.28 -1.79
N ILE A 102 -33.71 -1.52 -2.31
CA ILE A 102 -33.84 -1.72 -3.75
C ILE A 102 -35.10 -1.11 -4.31
N ALA A 103 -34.94 -0.44 -5.47
CA ALA A 103 -36.03 0.17 -6.18
C ALA A 103 -36.95 -0.89 -6.79
N VAL A 104 -38.23 -0.55 -6.89
CA VAL A 104 -39.23 -1.37 -7.56
C VAL A 104 -39.74 -0.58 -8.75
N ALA A 105 -39.58 -1.13 -9.95
CA ALA A 105 -40.01 -0.44 -11.15
C ALA A 105 -41.52 -0.24 -11.16
N LYS A 106 -41.96 0.82 -11.83
CA LYS A 106 -43.39 1.09 -11.93
C LYS A 106 -44.08 -0.01 -12.71
N ARG A 107 -43.50 -0.43 -13.83
CA ARG A 107 -43.96 -1.59 -14.57
C ARG A 107 -42.92 -2.69 -14.43
N PRO A 108 -43.28 -3.87 -13.93
CA PRO A 108 -42.32 -4.97 -13.83
C PRO A 108 -41.88 -5.42 -15.21
N PRO A 109 -40.73 -6.11 -15.32
CA PRO A 109 -39.82 -6.47 -14.23
C PRO A 109 -38.86 -5.35 -13.87
N THR A 110 -38.35 -5.38 -12.64
CA THR A 110 -37.28 -4.46 -12.26
C THR A 110 -35.96 -5.04 -12.72
N VAL A 111 -35.22 -4.28 -13.51
CA VAL A 111 -34.00 -4.76 -14.16
C VAL A 111 -32.80 -4.22 -13.39
N ILE A 112 -31.95 -5.12 -12.90
CA ILE A 112 -30.78 -4.77 -12.10
C ILE A 112 -29.55 -5.19 -12.89
N MET A 113 -28.67 -4.23 -13.15
CA MET A 113 -27.45 -4.45 -13.93
C MET A 113 -26.26 -4.51 -12.98
N MET A 114 -25.57 -5.65 -12.96
CA MET A 114 -24.41 -5.85 -12.10
C MET A 114 -23.14 -5.61 -12.91
N VAL A 115 -22.33 -4.64 -12.48
CA VAL A 115 -21.11 -4.29 -13.18
C VAL A 115 -19.95 -4.27 -12.20
N GLY A 116 -18.74 -4.36 -12.75
CA GLY A 116 -17.53 -4.33 -11.96
C GLY A 116 -16.39 -5.01 -12.68
N LEU A 117 -15.24 -5.00 -12.01
CA LEU A 117 -14.05 -5.63 -12.54
C LEU A 117 -14.00 -7.11 -12.18
N GLN A 118 -13.24 -7.86 -12.97
CA GLN A 118 -13.07 -9.29 -12.74
C GLN A 118 -12.43 -9.54 -11.38
N GLY A 119 -12.94 -10.53 -10.67
CA GLY A 119 -12.47 -10.84 -9.33
C GLY A 119 -13.14 -10.07 -8.22
N ALA A 120 -14.04 -9.13 -8.55
CA ALA A 120 -14.70 -8.35 -7.52
C ALA A 120 -15.81 -9.12 -6.82
N GLY A 121 -16.39 -10.10 -7.49
CA GLY A 121 -17.49 -10.87 -6.95
C GLY A 121 -18.83 -10.70 -7.66
N LYS A 122 -18.83 -10.22 -8.91
CA LYS A 122 -20.07 -9.98 -9.64
C LYS A 122 -20.94 -11.23 -9.71
N THR A 123 -20.37 -12.31 -10.25
CA THR A 123 -21.14 -13.52 -10.50
C THR A 123 -21.71 -14.09 -9.20
N THR A 124 -20.87 -14.16 -8.15
CA THR A 124 -21.34 -14.66 -6.86
C THR A 124 -22.43 -13.77 -6.28
N THR A 125 -22.25 -12.44 -6.38
CA THR A 125 -23.21 -11.52 -5.79
C THR A 125 -24.54 -11.53 -6.53
N SER A 126 -24.51 -11.75 -7.86
CA SER A 126 -25.76 -11.89 -8.60
C SER A 126 -26.62 -13.01 -8.03
N GLY A 127 -26.01 -14.15 -7.71
CA GLY A 127 -26.75 -15.23 -7.09
C GLY A 127 -27.20 -14.88 -5.68
N LYS A 128 -26.32 -14.25 -4.89
CA LYS A 128 -26.70 -13.82 -3.55
C LYS A 128 -27.90 -12.88 -3.58
N LEU A 129 -27.90 -11.94 -4.52
CA LEU A 129 -28.97 -10.95 -4.58
C LEU A 129 -30.29 -11.58 -4.98
N ALA A 130 -30.27 -12.50 -5.94
CA ALA A 130 -31.47 -13.24 -6.30
C ALA A 130 -32.01 -14.00 -5.10
N ASN A 131 -31.13 -14.74 -4.41
CA ASN A 131 -31.53 -15.46 -3.20
C ASN A 131 -32.17 -14.53 -2.18
N LEU A 132 -31.57 -13.35 -1.97
CA LEU A 132 -32.13 -12.41 -1.00
C LEU A 132 -33.48 -11.89 -1.46
N LEU A 133 -33.67 -11.69 -2.76
CA LEU A 133 -34.92 -11.12 -3.25
C LEU A 133 -36.09 -12.07 -3.04
N ARG A 134 -35.88 -13.37 -3.28
CA ARG A 134 -36.93 -14.35 -3.03
C ARG A 134 -37.17 -14.56 -1.54
N LYS A 135 -36.11 -14.75 -0.74
CA LYS A 135 -36.32 -14.93 0.70
C LYS A 135 -36.91 -13.70 1.38
N LYS A 136 -36.19 -12.58 1.39
CA LYS A 136 -36.66 -11.49 2.24
C LYS A 136 -37.80 -10.69 1.61
N HIS A 137 -38.00 -10.77 0.30
CA HIS A 137 -39.01 -9.96 -0.36
C HIS A 137 -40.03 -10.77 -1.15
N ASN A 138 -39.89 -12.10 -1.18
CA ASN A 138 -40.83 -13.00 -1.88
C ASN A 138 -41.07 -12.55 -3.31
N ARG A 139 -39.98 -12.33 -4.04
CA ARG A 139 -40.04 -12.04 -5.47
C ARG A 139 -39.54 -13.25 -6.26
N LYS A 140 -39.70 -13.13 -7.58
CA LYS A 140 -39.40 -14.21 -8.53
C LYS A 140 -38.35 -13.69 -9.49
N PRO A 141 -37.06 -13.88 -9.18
CA PRO A 141 -36.02 -13.28 -10.02
C PRO A 141 -35.47 -14.21 -11.09
N MET A 142 -34.90 -13.64 -12.14
CA MET A 142 -34.25 -14.37 -13.21
C MET A 142 -32.82 -13.87 -13.35
N LEU A 143 -31.87 -14.80 -13.46
CA LEU A 143 -30.47 -14.47 -13.65
C LEU A 143 -30.11 -14.55 -15.13
N VAL A 144 -29.16 -13.73 -15.55
CA VAL A 144 -28.79 -13.60 -16.96
C VAL A 144 -27.28 -13.67 -17.11
N ALA A 145 -26.81 -14.56 -17.98
CA ALA A 145 -25.38 -14.76 -18.21
C ALA A 145 -24.94 -13.87 -19.38
N ALA A 146 -24.49 -12.65 -19.04
CA ALA A 146 -24.08 -11.67 -20.04
C ALA A 146 -22.57 -11.45 -20.05
N ASP A 147 -21.80 -12.34 -19.45
CA ASP A 147 -20.34 -12.33 -19.52
C ASP A 147 -19.94 -13.51 -20.40
N ILE A 148 -19.75 -13.24 -21.69
CA ILE A 148 -19.40 -14.29 -22.65
C ILE A 148 -17.90 -14.50 -22.81
N TYR A 149 -17.08 -13.53 -22.38
CA TYR A 149 -15.67 -13.52 -22.76
C TYR A 149 -14.87 -14.53 -21.93
N ARG A 150 -15.29 -14.82 -20.74
CA ARG A 150 -14.48 -15.69 -19.91
C ARG A 150 -15.12 -17.06 -19.84
N PRO A 151 -14.39 -18.11 -20.21
CA PRO A 151 -14.97 -19.46 -20.12
C PRO A 151 -15.24 -19.83 -18.68
N ALA A 152 -16.22 -20.71 -18.50
CA ALA A 152 -16.70 -21.14 -17.19
C ALA A 152 -17.46 -20.03 -16.47
N ALA A 153 -17.49 -18.81 -17.03
CA ALA A 153 -18.31 -17.76 -16.45
C ALA A 153 -19.78 -18.12 -16.53
N ILE A 154 -20.20 -18.72 -17.63
CA ILE A 154 -21.61 -19.12 -17.77
C ILE A 154 -21.90 -20.32 -16.88
N LYS A 155 -21.07 -21.37 -16.96
CA LYS A 155 -21.29 -22.56 -16.15
C LYS A 155 -21.23 -22.25 -14.66
N GLN A 156 -20.42 -21.27 -14.26
CA GLN A 156 -20.38 -20.85 -12.86
C GLN A 156 -21.73 -20.28 -12.44
N LEU A 157 -22.30 -19.38 -13.25
CA LEU A 157 -23.58 -18.78 -12.92
C LEU A 157 -24.71 -19.81 -13.01
N GLU A 158 -24.63 -20.72 -13.97
CA GLU A 158 -25.62 -21.80 -14.06
C GLU A 158 -25.55 -22.69 -12.82
N THR A 159 -24.35 -23.02 -12.36
CA THR A 159 -24.20 -23.85 -11.17
C THR A 159 -24.83 -23.18 -9.96
N LEU A 160 -24.73 -21.85 -9.87
CA LEU A 160 -25.36 -21.13 -8.78
C LEU A 160 -26.89 -21.17 -8.90
N GLY A 161 -27.40 -20.91 -10.11
CA GLY A 161 -28.84 -20.99 -10.33
C GLY A 161 -29.42 -22.35 -10.02
N LYS A 162 -28.65 -23.41 -10.25
CA LYS A 162 -29.11 -24.77 -9.95
C LYS A 162 -29.11 -25.08 -8.46
N GLN A 163 -28.57 -24.19 -7.62
CA GLN A 163 -28.71 -24.33 -6.19
C GLN A 163 -29.85 -23.49 -5.63
N LEU A 164 -30.30 -22.48 -6.38
CA LEU A 164 -31.39 -21.60 -5.98
C LEU A 164 -32.74 -22.01 -6.57
N ASP A 165 -32.76 -22.99 -7.47
CA ASP A 165 -33.94 -23.32 -8.26
C ASP A 165 -34.47 -22.07 -8.96
N MET A 166 -33.56 -21.38 -9.65
CA MET A 166 -33.87 -20.15 -10.34
C MET A 166 -33.33 -20.20 -11.76
N PRO A 167 -34.06 -19.63 -12.73
CA PRO A 167 -33.61 -19.70 -14.13
C PRO A 167 -32.36 -18.85 -14.37
N VAL A 168 -31.50 -19.37 -15.24
CA VAL A 168 -30.32 -18.65 -15.71
C VAL A 168 -30.43 -18.58 -17.24
N PHE A 169 -30.61 -17.38 -17.77
CA PHE A 169 -30.81 -17.17 -19.19
C PHE A 169 -29.46 -17.06 -19.90
N SER A 170 -29.25 -17.87 -20.93
CA SER A 170 -27.98 -17.87 -21.64
C SER A 170 -28.18 -18.26 -23.10
N LEU A 171 -27.39 -17.65 -23.97
CA LEU A 171 -27.36 -17.96 -25.40
C LEU A 171 -25.96 -18.35 -25.86
N GLY A 172 -25.15 -18.89 -24.94
CA GLY A 172 -23.78 -19.25 -25.26
C GLY A 172 -22.85 -18.07 -25.20
N ASP A 173 -21.64 -18.27 -25.74
CA ASP A 173 -20.61 -17.23 -25.74
C ASP A 173 -20.32 -16.71 -27.15
N GLN A 174 -21.16 -17.01 -28.12
CA GLN A 174 -21.00 -16.52 -29.49
C GLN A 174 -22.00 -15.43 -29.82
N VAL A 175 -22.65 -14.84 -28.82
CA VAL A 175 -23.74 -13.90 -29.01
C VAL A 175 -23.45 -12.65 -28.19
N SER A 176 -23.84 -11.49 -28.72
CA SER A 176 -23.55 -10.24 -28.04
C SER A 176 -24.31 -10.15 -26.73
N PRO A 177 -23.70 -9.61 -25.67
CA PRO A 177 -24.45 -9.36 -24.43
C PRO A 177 -25.64 -8.45 -24.62
N VAL A 178 -25.60 -7.55 -25.61
CA VAL A 178 -26.75 -6.69 -25.90
C VAL A 178 -27.96 -7.54 -26.27
N GLU A 179 -27.76 -8.55 -27.12
CA GLU A 179 -28.86 -9.40 -27.55
C GLU A 179 -29.33 -10.30 -26.42
N ILE A 180 -28.40 -10.77 -25.58
CA ILE A 180 -28.78 -11.63 -24.45
C ILE A 180 -29.67 -10.88 -23.48
N ALA A 181 -29.31 -9.63 -23.16
CA ALA A 181 -30.12 -8.85 -22.24
C ALA A 181 -31.49 -8.54 -22.82
N LYS A 182 -31.54 -8.20 -24.11
CA LYS A 182 -32.81 -7.87 -24.76
C LYS A 182 -33.79 -9.04 -24.68
N GLN A 183 -33.33 -10.25 -25.01
CA GLN A 183 -34.21 -11.40 -25.00
C GLN A 183 -34.64 -11.78 -23.59
N ALA A 184 -33.73 -11.65 -22.62
CA ALA A 184 -34.03 -12.05 -21.25
C ALA A 184 -35.13 -11.17 -20.65
N ILE A 185 -35.01 -9.85 -20.82
CA ILE A 185 -35.98 -8.93 -20.25
C ILE A 185 -37.35 -9.14 -20.86
N GLU A 186 -37.41 -9.45 -22.15
CA GLU A 186 -38.68 -9.61 -22.83
C GLU A 186 -39.32 -10.97 -22.55
N LYS A 187 -38.51 -12.00 -22.28
CA LYS A 187 -39.05 -13.24 -21.70
C LYS A 187 -39.57 -12.99 -20.28
N ALA A 188 -38.86 -12.16 -19.52
CA ALA A 188 -39.26 -11.92 -18.13
C ALA A 188 -40.61 -11.21 -18.04
N LYS A 189 -40.85 -10.26 -18.95
CA LYS A 189 -42.18 -9.68 -19.13
C LYS A 189 -43.24 -10.75 -19.40
N GLU A 190 -42.98 -11.66 -20.35
CA GLU A 190 -44.02 -12.60 -20.76
C GLU A 190 -44.41 -13.56 -19.64
N GLU A 191 -43.46 -13.97 -18.80
CA GLU A 191 -43.70 -14.97 -17.78
C GLU A 191 -43.80 -14.39 -16.37
N HIS A 192 -43.84 -13.07 -16.25
CA HIS A 192 -44.18 -12.38 -15.01
C HIS A 192 -43.11 -12.57 -13.93
N TYR A 193 -41.86 -12.34 -14.32
CA TYR A 193 -40.78 -12.32 -13.34
C TYR A 193 -40.66 -10.93 -12.73
N ASP A 194 -40.40 -10.89 -11.43
CA ASP A 194 -40.30 -9.60 -10.74
C ASP A 194 -39.00 -8.89 -11.05
N TYR A 195 -37.89 -9.62 -11.07
CA TYR A 195 -36.56 -9.02 -11.12
C TYR A 195 -35.70 -9.73 -12.16
N VAL A 196 -34.87 -8.94 -12.84
CA VAL A 196 -33.90 -9.45 -13.82
C VAL A 196 -32.54 -8.94 -13.41
N ILE A 197 -31.59 -9.85 -13.21
CA ILE A 197 -30.27 -9.54 -12.69
C ILE A 197 -29.25 -9.90 -13.74
N LEU A 198 -28.57 -8.90 -14.28
CA LEU A 198 -27.64 -9.06 -15.40
C LEU A 198 -26.21 -9.14 -14.88
N ASP A 199 -25.57 -10.30 -15.06
CA ASP A 199 -24.17 -10.48 -14.68
C ASP A 199 -23.32 -10.16 -15.90
N THR A 200 -22.68 -8.99 -15.88
CA THR A 200 -22.01 -8.43 -17.05
C THR A 200 -20.53 -8.77 -17.04
N ALA A 201 -19.84 -8.38 -18.11
CA ALA A 201 -18.46 -8.74 -18.35
C ALA A 201 -17.52 -7.77 -17.63
N GLY A 202 -16.22 -8.08 -17.71
CA GLY A 202 -15.20 -7.25 -17.07
C GLY A 202 -13.85 -7.92 -16.94
N ARG A 203 -12.81 -7.20 -17.36
CA ARG A 203 -11.42 -7.58 -17.18
C ARG A 203 -10.86 -7.04 -15.86
N LEU A 204 -9.53 -7.12 -15.72
CA LEU A 204 -8.89 -6.73 -14.47
C LEU A 204 -8.83 -5.21 -14.32
N HIS A 205 -8.85 -4.48 -15.43
CA HIS A 205 -8.82 -3.03 -15.41
C HIS A 205 -9.89 -2.49 -16.34
N ILE A 206 -10.34 -1.27 -16.05
CA ILE A 206 -11.30 -0.59 -16.91
C ILE A 206 -10.66 -0.30 -18.27
N ASP A 207 -11.47 -0.40 -19.32
CA ASP A 207 -11.01 -0.09 -20.67
C ASP A 207 -12.15 0.48 -21.49
N HIS A 208 -11.82 0.95 -22.70
CA HIS A 208 -12.83 1.54 -23.57
C HIS A 208 -13.78 0.47 -24.12
N GLU A 209 -13.26 -0.73 -24.40
CA GLU A 209 -14.11 -1.80 -24.88
C GLU A 209 -15.17 -2.16 -23.85
N LEU A 210 -14.89 -1.95 -22.57
CA LEU A 210 -15.84 -2.33 -21.54
C LEU A 210 -16.98 -1.31 -21.41
N MET A 211 -16.69 0.00 -21.38
CA MET A 211 -17.83 0.93 -21.25
C MET A 211 -18.69 0.97 -22.49
N ASP A 212 -18.08 0.70 -23.65
CA ASP A 212 -18.87 0.68 -24.85
C ASP A 212 -19.90 -0.42 -24.77
N GLU A 213 -19.49 -1.63 -24.37
CA GLU A 213 -20.44 -2.72 -24.23
C GLU A 213 -21.46 -2.43 -23.12
N LEU A 214 -20.98 -1.91 -21.98
CA LEU A 214 -21.90 -1.65 -20.87
C LEU A 214 -22.87 -0.53 -21.22
N THR A 215 -22.42 0.49 -21.95
CA THR A 215 -23.32 1.54 -22.41
C THR A 215 -24.40 0.96 -23.33
N ASN A 216 -24.04 0.01 -24.19
CA ASN A 216 -24.99 -0.58 -25.11
C ASN A 216 -26.01 -1.46 -24.36
N VAL A 217 -25.56 -2.18 -23.33
CA VAL A 217 -26.48 -3.01 -22.56
C VAL A 217 -27.46 -2.13 -21.79
N LYS A 218 -26.95 -1.08 -21.15
CA LYS A 218 -27.84 -0.13 -20.46
C LYS A 218 -28.86 0.46 -21.42
N GLU A 219 -28.45 0.73 -22.65
CA GLU A 219 -29.35 1.31 -23.64
C GLU A 219 -30.56 0.41 -23.89
N ILE A 220 -30.31 -0.86 -24.19
CA ILE A 220 -31.45 -1.72 -24.48
C ILE A 220 -32.14 -2.23 -23.21
N ALA A 221 -31.42 -2.38 -22.11
CA ALA A 221 -32.06 -2.90 -20.91
C ALA A 221 -32.86 -1.86 -20.16
N ASN A 222 -32.52 -0.57 -20.30
CA ASN A 222 -33.11 0.53 -19.56
C ASN A 222 -33.27 0.16 -18.09
N PRO A 223 -32.18 -0.11 -17.37
CA PRO A 223 -32.30 -0.71 -16.04
C PRO A 223 -32.73 0.28 -14.98
N GLU A 224 -33.52 -0.24 -14.02
CA GLU A 224 -33.91 0.56 -12.87
C GLU A 224 -32.76 0.70 -11.88
N GLU A 225 -31.85 -0.26 -11.83
CA GLU A 225 -30.71 -0.23 -10.93
C GLU A 225 -29.45 -0.65 -11.66
N ILE A 226 -28.35 0.06 -11.38
CA ILE A 226 -27.03 -0.31 -11.87
C ILE A 226 -26.12 -0.39 -10.64
N PHE A 227 -25.77 -1.61 -10.25
CA PHE A 227 -25.00 -1.86 -9.04
C PHE A 227 -23.55 -2.15 -9.40
N LEU A 228 -22.63 -1.35 -8.85
CA LEU A 228 -21.22 -1.70 -8.93
C LEU A 228 -20.90 -2.72 -7.86
N VAL A 229 -20.23 -3.80 -8.26
CA VAL A 229 -19.71 -4.81 -7.34
C VAL A 229 -18.21 -4.55 -7.20
N VAL A 230 -17.75 -4.32 -5.98
CA VAL A 230 -16.38 -3.87 -5.77
C VAL A 230 -15.83 -4.45 -4.47
N ASP A 231 -14.54 -4.80 -4.51
CA ASP A 231 -13.87 -5.52 -3.44
C ASP A 231 -13.47 -4.57 -2.32
N SER A 232 -14.03 -4.78 -1.12
CA SER A 232 -13.83 -3.84 -0.01
C SER A 232 -12.40 -3.81 0.49
N MET A 233 -11.62 -4.85 0.26
CA MET A 233 -10.25 -4.89 0.78
C MET A 233 -9.27 -4.12 -0.08
N THR A 234 -9.67 -3.68 -1.27
CA THR A 234 -8.80 -2.91 -2.14
C THR A 234 -8.75 -1.43 -1.78
N GLY A 235 -9.43 -1.02 -0.71
CA GLY A 235 -9.24 0.32 -0.16
C GLY A 235 -9.61 1.42 -1.14
N GLN A 236 -8.74 2.42 -1.24
CA GLN A 236 -9.00 3.59 -2.09
C GLN A 236 -9.15 3.19 -3.56
N ASP A 237 -8.56 2.06 -3.96
CA ASP A 237 -8.76 1.57 -5.32
C ASP A 237 -10.24 1.38 -5.61
N ALA A 238 -10.97 0.80 -4.66
CA ALA A 238 -12.41 0.63 -4.84
C ALA A 238 -13.12 1.96 -5.00
N VAL A 239 -12.68 2.99 -4.25
CA VAL A 239 -13.27 4.30 -4.38
C VAL A 239 -13.01 4.89 -5.76
N ASN A 240 -11.84 4.61 -6.34
CA ASN A 240 -11.54 5.12 -7.67
C ASN A 240 -12.32 4.36 -8.75
N VAL A 241 -12.51 3.05 -8.56
CA VAL A 241 -13.33 2.28 -9.50
C VAL A 241 -14.75 2.84 -9.54
N ALA A 242 -15.31 3.14 -8.38
CA ALA A 242 -16.68 3.67 -8.33
C ALA A 242 -16.79 5.00 -9.05
N LYS A 243 -15.81 5.89 -8.85
CA LYS A 243 -15.84 7.20 -9.49
C LYS A 243 -15.85 7.08 -11.00
N SER A 244 -14.97 6.24 -11.55
CA SER A 244 -14.93 6.03 -13.00
C SER A 244 -16.25 5.44 -13.49
N PHE A 245 -16.75 4.40 -12.81
CA PHE A 245 -17.98 3.74 -13.25
C PHE A 245 -19.16 4.68 -13.17
N ASN A 246 -19.20 5.55 -12.15
CA ASN A 246 -20.35 6.44 -11.98
C ASN A 246 -20.35 7.58 -13.00
N GLU A 247 -19.20 7.92 -13.56
CA GLU A 247 -19.14 9.02 -14.52
C GLU A 247 -19.25 8.55 -15.97
N GLN A 248 -18.92 7.29 -16.26
CA GLN A 248 -19.00 6.80 -17.63
C GLN A 248 -20.33 6.11 -17.91
N LEU A 249 -20.95 5.47 -16.92
CA LEU A 249 -22.38 5.20 -16.94
C LEU A 249 -22.95 5.55 -15.56
N GLY A 250 -24.25 5.42 -15.40
CA GLY A 250 -24.87 5.84 -14.16
C GLY A 250 -24.99 4.74 -13.12
N LEU A 251 -24.24 4.86 -12.03
CA LEU A 251 -24.42 3.94 -10.91
C LEU A 251 -25.57 4.41 -10.03
N THR A 252 -26.36 3.45 -9.56
CA THR A 252 -27.39 3.73 -8.57
C THR A 252 -27.13 3.09 -7.22
N GLY A 253 -26.17 2.18 -7.14
CA GLY A 253 -25.85 1.53 -5.88
C GLY A 253 -24.52 0.80 -5.96
N VAL A 254 -24.02 0.43 -4.79
CA VAL A 254 -22.76 -0.29 -4.66
C VAL A 254 -22.98 -1.50 -3.76
N VAL A 255 -22.36 -2.62 -4.14
CA VAL A 255 -22.30 -3.81 -3.30
C VAL A 255 -20.85 -4.01 -2.90
N LEU A 256 -20.57 -3.85 -1.61
CA LEU A 256 -19.23 -4.02 -1.06
C LEU A 256 -19.02 -5.49 -0.71
N THR A 257 -18.08 -6.14 -1.39
CA THR A 257 -17.82 -7.55 -1.17
C THR A 257 -16.62 -7.76 -0.27
N LYS A 258 -16.60 -8.91 0.40
CA LYS A 258 -15.46 -9.37 1.19
C LYS A 258 -15.19 -8.47 2.40
N LEU A 259 -16.26 -7.96 3.03
CA LEU A 259 -16.07 -7.41 4.38
C LEU A 259 -15.65 -8.45 5.40
N ASP A 260 -15.93 -9.73 5.17
CA ASP A 260 -15.39 -10.72 6.09
C ASP A 260 -13.87 -10.76 6.08
N GLY A 261 -13.22 -9.98 5.21
CA GLY A 261 -11.78 -9.83 5.24
C GLY A 261 -11.31 -8.39 5.33
N ASP A 262 -12.24 -7.44 5.47
CA ASP A 262 -11.89 -6.02 5.52
C ASP A 262 -11.88 -5.55 6.97
N THR A 263 -10.68 -5.42 7.54
CA THR A 263 -10.52 -4.94 8.90
C THR A 263 -10.46 -3.43 9.01
N ARG A 264 -10.25 -2.72 7.89
CA ARG A 264 -10.02 -1.28 7.92
C ARG A 264 -11.29 -0.48 7.64
N GLY A 265 -11.95 -0.73 6.53
CA GLY A 265 -13.21 -0.07 6.23
C GLY A 265 -13.10 1.24 5.49
N GLY A 266 -11.95 1.54 4.88
CA GLY A 266 -11.78 2.82 4.21
C GLY A 266 -12.77 3.02 3.07
N ALA A 267 -12.93 2.00 2.22
CA ALA A 267 -13.87 2.11 1.11
C ALA A 267 -15.29 2.29 1.63
N ALA A 268 -15.68 1.49 2.63
CA ALA A 268 -17.03 1.59 3.19
C ALA A 268 -17.33 3.00 3.68
N LEU A 269 -16.32 3.69 4.22
CA LEU A 269 -16.52 5.03 4.73
C LEU A 269 -16.30 6.12 3.69
N SER A 270 -15.84 5.77 2.49
CA SER A 270 -15.44 6.77 1.52
C SER A 270 -16.30 6.82 0.27
N ILE A 271 -16.90 5.69 -0.15
CA ILE A 271 -17.50 5.62 -1.48
C ILE A 271 -18.61 6.65 -1.64
N ARG A 272 -19.58 6.66 -0.71
CA ARG A 272 -20.70 7.59 -0.86
C ARG A 272 -20.24 9.03 -0.80
N ALA A 273 -19.28 9.34 0.08
CA ALA A 273 -18.83 10.73 0.22
C ALA A 273 -18.15 11.24 -1.04
N VAL A 274 -17.52 10.36 -1.80
CA VAL A 274 -16.78 10.79 -2.99
C VAL A 274 -17.65 10.73 -4.25
N THR A 275 -18.53 9.73 -4.36
CA THR A 275 -19.29 9.52 -5.58
C THR A 275 -20.77 9.85 -5.48
N ASN A 276 -21.31 10.00 -4.27
CA ASN A 276 -22.73 10.13 -3.98
C ASN A 276 -23.53 8.86 -4.34
N THR A 277 -22.85 7.74 -4.56
CA THR A 277 -23.57 6.50 -4.79
C THR A 277 -23.71 5.74 -3.48
N PRO A 278 -24.92 5.36 -3.08
CA PRO A 278 -25.09 4.67 -1.81
C PRO A 278 -24.65 3.22 -1.87
N ILE A 279 -24.10 2.75 -0.75
CA ILE A 279 -23.80 1.33 -0.58
C ILE A 279 -25.07 0.64 -0.10
N LYS A 280 -25.53 -0.35 -0.86
CA LYS A 280 -26.80 -1.00 -0.57
C LYS A 280 -26.66 -2.35 0.12
N PHE A 281 -25.61 -3.11 -0.21
CA PHE A 281 -25.44 -4.45 0.34
C PHE A 281 -23.98 -4.71 0.62
N ALA A 282 -23.73 -5.57 1.60
CA ALA A 282 -22.39 -6.02 1.94
C ALA A 282 -22.32 -7.52 1.76
N GLY A 283 -21.29 -7.98 1.05
CA GLY A 283 -21.02 -9.41 0.94
C GLY A 283 -20.09 -9.85 2.07
N LEU A 284 -20.42 -10.99 2.69
CA LEU A 284 -19.78 -11.40 3.93
C LEU A 284 -19.26 -12.84 3.89
N GLY A 285 -19.04 -13.40 2.72
CA GLY A 285 -18.56 -14.75 2.64
C GLY A 285 -18.81 -15.35 1.28
N GLU A 286 -18.39 -16.61 1.14
CA GLU A 286 -18.46 -17.29 -0.15
C GLU A 286 -19.81 -17.92 -0.43
N LYS A 287 -20.61 -18.20 0.61
CA LYS A 287 -21.89 -18.87 0.42
C LYS A 287 -22.96 -17.90 -0.06
N LEU A 288 -24.00 -18.48 -0.69
CA LEU A 288 -25.03 -17.67 -1.35
C LEU A 288 -25.89 -16.89 -0.35
N ASP A 289 -26.07 -17.39 0.87
CA ASP A 289 -26.67 -16.61 1.95
C ASP A 289 -25.82 -15.46 2.51
N ALA A 290 -24.57 -15.25 2.07
CA ALA A 290 -23.71 -14.28 2.76
C ALA A 290 -23.84 -12.88 2.18
N LEU A 291 -25.05 -12.32 2.31
CA LEU A 291 -25.33 -10.97 1.81
C LEU A 291 -26.33 -10.32 2.74
N GLU A 292 -25.99 -9.13 3.25
CA GLU A 292 -26.93 -8.39 4.08
C GLU A 292 -27.04 -6.96 3.59
N PRO A 293 -28.20 -6.33 3.77
CA PRO A 293 -28.33 -4.91 3.42
C PRO A 293 -27.43 -4.05 4.29
N PHE A 294 -26.89 -2.99 3.68
CA PHE A 294 -25.95 -2.11 4.36
C PHE A 294 -26.71 -1.14 5.26
N HIS A 295 -26.48 -1.24 6.57
CA HIS A 295 -27.17 -0.39 7.53
C HIS A 295 -26.17 0.59 8.15
N PRO A 296 -26.22 1.87 7.78
CA PRO A 296 -25.17 2.81 8.23
C PRO A 296 -25.08 2.98 9.74
N GLU A 297 -26.20 3.04 10.46
CA GLU A 297 -26.11 3.24 11.90
C GLU A 297 -25.48 2.05 12.59
N ARG A 298 -25.82 0.83 12.16
CA ARG A 298 -25.21 -0.37 12.73
C ARG A 298 -23.69 -0.37 12.49
N MET A 299 -23.28 0.03 11.29
CA MET A 299 -21.85 0.10 10.99
C MET A 299 -21.15 1.14 11.85
N ALA A 300 -21.78 2.30 12.03
CA ALA A 300 -21.23 3.32 12.92
C ALA A 300 -21.11 2.78 14.34
N SER A 301 -22.11 2.02 14.80
CA SER A 301 -22.06 1.45 16.14
C SER A 301 -20.97 0.38 16.24
N ARG A 302 -20.84 -0.45 15.20
CA ARG A 302 -19.74 -1.43 15.19
C ARG A 302 -18.39 -0.75 15.18
N ILE A 303 -18.30 0.45 14.60
CA ILE A 303 -17.04 1.19 14.59
C ILE A 303 -16.70 1.69 15.99
N LEU A 304 -17.70 2.05 16.79
CA LEU A 304 -17.49 2.61 18.11
C LEU A 304 -17.50 1.56 19.24
N GLY A 305 -17.43 0.28 18.89
CA GLY A 305 -17.46 -0.74 19.93
C GLY A 305 -18.81 -0.86 20.60
N MET A 306 -19.87 -0.42 19.91
CA MET A 306 -21.23 -0.46 20.46
C MET A 306 -22.06 -1.60 19.90
N GLY A 307 -21.43 -2.59 19.31
CA GLY A 307 -22.17 -3.64 18.61
C GLY A 307 -23.12 -4.38 19.51
N ASP A 308 -24.14 -4.96 18.87
CA ASP A 308 -25.13 -5.77 19.55
C ASP A 308 -24.47 -6.99 20.17
N HIS B 8 2.97 23.02 10.23
CA HIS B 8 1.67 22.92 10.88
C HIS B 8 1.14 21.48 10.84
N MET B 9 1.16 20.85 9.67
CA MET B 9 0.65 19.50 9.52
C MET B 9 1.83 18.53 9.39
N GLY B 10 1.53 17.24 9.58
CA GLY B 10 2.47 16.20 9.20
C GLY B 10 2.98 15.30 10.30
N PHE B 11 3.38 14.07 9.93
CA PHE B 11 4.15 13.14 10.77
C PHE B 11 3.40 12.64 12.00
N GLU B 12 2.08 12.85 12.09
CA GLU B 12 1.38 12.60 13.35
C GLU B 12 1.46 11.14 13.79
N GLY B 13 1.53 10.21 12.84
CA GLY B 13 1.55 8.80 13.18
C GLY B 13 2.90 8.33 13.71
N LEU B 14 3.98 8.76 13.06
CA LEU B 14 5.31 8.41 13.54
C LEU B 14 5.57 8.98 14.93
N ALA B 15 5.11 10.21 15.16
CA ALA B 15 5.24 10.81 16.49
C ALA B 15 4.57 9.94 17.54
N ASP B 16 3.29 9.60 17.32
CA ASP B 16 2.54 8.76 18.26
C ASP B 16 3.30 7.49 18.60
N ARG B 17 3.70 6.74 17.58
CA ARG B 17 4.58 5.59 17.73
C ARG B 17 5.76 5.88 18.64
N LEU B 18 6.39 7.04 18.47
CA LEU B 18 7.63 7.32 19.17
C LEU B 18 7.41 7.80 20.60
N GLN B 19 6.31 8.50 20.87
CA GLN B 19 6.11 9.14 22.17
C GLN B 19 6.31 8.16 23.31
N GLN B 20 5.69 7.00 23.20
CA GLN B 20 5.70 6.04 24.30
C GLN B 20 7.11 5.53 24.60
N THR B 21 7.91 5.29 23.56
CA THR B 21 9.27 4.83 23.80
C THR B 21 10.16 5.98 24.28
N ILE B 22 9.99 7.17 23.70
CA ILE B 22 10.67 8.35 24.21
C ILE B 22 10.26 8.63 25.63
N SER B 23 9.02 8.26 25.98
CA SER B 23 8.48 8.46 27.32
C SER B 23 9.37 7.81 28.37
N LYS B 24 9.72 6.55 28.12
CA LYS B 24 10.47 5.75 29.08
C LYS B 24 11.86 6.32 29.34
N ILE B 25 12.53 6.79 28.30
CA ILE B 25 13.91 7.23 28.43
C ILE B 25 13.98 8.60 29.10
N ARG B 26 13.08 9.52 28.73
CA ARG B 26 13.15 10.88 29.27
C ARG B 26 12.98 10.89 30.77
N GLY B 27 12.04 10.09 31.30
CA GLY B 27 11.79 10.10 32.73
C GLY B 27 12.95 9.57 33.55
N LYS B 28 13.62 8.54 33.04
CA LYS B 28 14.71 7.91 33.80
C LYS B 28 15.92 8.82 33.88
N GLY B 29 16.48 8.92 35.07
CA GLY B 29 17.71 9.67 35.29
C GLY B 29 18.98 8.88 35.15
N LYS B 30 18.87 7.56 35.03
CA LYS B 30 19.99 6.70 34.69
C LYS B 30 19.70 6.04 33.36
N VAL B 31 20.69 6.02 32.47
CA VAL B 31 20.53 5.51 31.12
C VAL B 31 21.62 4.47 30.87
N SER B 32 21.24 3.20 30.86
CA SER B 32 22.17 2.12 30.58
C SER B 32 22.25 1.86 29.08
N GLU B 33 23.07 0.88 28.71
CA GLU B 33 23.16 0.46 27.32
C GLU B 33 22.04 -0.49 26.92
N GLN B 34 21.45 -1.20 27.88
CA GLN B 34 20.25 -1.95 27.57
C GLN B 34 19.07 -1.04 27.33
N ASP B 35 19.01 0.10 28.02
CA ASP B 35 17.95 1.07 27.79
C ASP B 35 17.99 1.59 26.35
N VAL B 36 19.17 1.96 25.87
CA VAL B 36 19.27 2.51 24.52
C VAL B 36 19.02 1.43 23.47
N LYS B 37 19.44 0.19 23.75
CA LYS B 37 19.15 -0.89 22.82
C LYS B 37 17.65 -1.12 22.67
N GLU B 38 16.90 -0.98 23.77
CA GLU B 38 15.46 -1.20 23.72
C GLU B 38 14.75 -0.08 22.99
N MET B 39 15.00 1.17 23.40
CA MET B 39 14.38 2.31 22.73
C MET B 39 14.69 2.32 21.24
N MET B 40 15.91 1.90 20.87
CA MET B 40 16.31 1.93 19.46
C MET B 40 15.59 0.85 18.66
N ARG B 41 15.32 -0.31 19.26
CA ARG B 41 14.55 -1.33 18.56
C ARG B 41 13.16 -0.81 18.23
N GLU B 42 12.56 -0.04 19.13
CA GLU B 42 11.26 0.56 18.85
C GLU B 42 11.38 1.67 17.82
N VAL B 43 12.43 2.50 17.93
CA VAL B 43 12.68 3.55 16.94
C VAL B 43 12.83 2.93 15.55
N ARG B 44 13.49 1.78 15.47
CA ARG B 44 13.68 1.11 14.18
C ARG B 44 12.34 0.66 13.59
N LEU B 45 11.59 -0.16 14.35
CA LEU B 45 10.20 -0.48 13.98
C LEU B 45 9.40 0.74 13.54
N ALA B 46 9.44 1.81 14.32
CA ALA B 46 8.66 3.00 13.98
C ALA B 46 9.03 3.52 12.61
N LEU B 47 10.33 3.71 12.35
CA LEU B 47 10.77 4.24 11.06
C LEU B 47 10.48 3.26 9.93
N LEU B 48 10.52 1.96 10.20
CA LEU B 48 10.20 0.99 9.16
C LEU B 48 8.72 1.04 8.80
N GLU B 49 7.85 1.12 9.82
CA GLU B 49 6.41 1.20 9.56
C GLU B 49 6.01 2.53 8.93
N ALA B 50 6.82 3.58 9.08
CA ALA B 50 6.56 4.85 8.44
C ALA B 50 7.05 4.91 7.00
N ASP B 51 7.51 3.78 6.46
CA ASP B 51 7.99 3.67 5.08
C ASP B 51 9.23 4.55 4.83
N VAL B 52 10.07 4.71 5.85
CA VAL B 52 11.39 5.29 5.65
C VAL B 52 12.27 4.30 4.91
N ASN B 53 13.08 4.81 3.97
CA ASN B 53 13.99 3.99 3.20
C ASN B 53 14.82 3.10 4.10
N PHE B 54 14.96 1.83 3.69
CA PHE B 54 15.54 0.78 4.53
C PHE B 54 16.97 1.08 4.95
N LYS B 55 17.84 1.27 3.97
CA LYS B 55 19.16 1.84 4.09
C LYS B 55 19.20 2.97 5.12
N VAL B 56 18.37 4.02 4.96
CA VAL B 56 18.43 5.16 5.88
C VAL B 56 18.16 4.74 7.34
N VAL B 57 17.28 3.76 7.52
CA VAL B 57 16.95 3.30 8.86
C VAL B 57 18.17 2.67 9.52
N LYS B 58 18.80 1.69 8.85
CA LYS B 58 19.96 1.02 9.41
C LYS B 58 21.06 2.02 9.78
N ASP B 59 21.29 3.00 8.93
CA ASP B 59 22.33 3.99 9.21
C ASP B 59 21.92 4.92 10.34
N PHE B 60 20.62 5.26 10.41
CA PHE B 60 20.16 6.17 11.46
C PHE B 60 20.26 5.54 12.84
N VAL B 61 19.79 4.30 12.97
CA VAL B 61 19.84 3.63 14.28
C VAL B 61 21.29 3.49 14.73
N LYS B 62 22.21 3.33 13.79
CA LYS B 62 23.61 3.09 14.12
C LYS B 62 24.26 4.34 14.72
N LYS B 63 24.04 5.51 14.11
CA LYS B 63 24.73 6.73 14.53
C LYS B 63 24.13 7.29 15.81
N VAL B 64 22.80 7.15 15.97
CA VAL B 64 22.18 7.58 17.23
C VAL B 64 22.64 6.70 18.38
N SER B 65 22.61 5.38 18.19
CA SER B 65 22.96 4.46 19.25
C SER B 65 24.47 4.48 19.56
N GLU B 66 25.30 4.72 18.55
CA GLU B 66 26.75 4.85 18.83
C GLU B 66 26.94 6.06 19.74
N ARG B 67 26.33 7.19 19.37
CA ARG B 67 26.47 8.43 20.18
C ARG B 67 25.83 8.28 21.56
N ALA B 68 24.68 7.61 21.64
CA ALA B 68 23.94 7.52 22.92
C ALA B 68 24.73 6.78 24.00
N VAL B 69 25.43 5.70 23.63
CA VAL B 69 26.13 4.92 24.70
C VAL B 69 27.20 5.82 25.32
N GLY B 70 27.87 6.64 24.50
CA GLY B 70 28.93 7.53 25.00
C GLY B 70 28.38 8.84 25.52
N GLN B 71 27.09 9.12 25.32
CA GLN B 71 26.49 10.42 25.75
C GLN B 71 26.55 10.52 27.27
N ASP B 72 26.31 9.42 27.97
CA ASP B 72 26.43 9.43 29.45
C ASP B 72 27.88 9.75 29.76
N VAL B 73 28.81 9.16 29.01
CA VAL B 73 30.24 9.50 29.19
C VAL B 73 30.42 10.96 28.79
N MET B 74 29.78 11.38 27.69
CA MET B 74 29.90 12.78 27.23
C MET B 74 29.29 13.70 28.28
N LYS B 75 28.11 13.36 28.80
CA LYS B 75 27.48 14.16 29.88
C LYS B 75 26.62 13.23 30.76
N SER B 76 26.82 13.27 32.07
CA SER B 76 25.98 12.46 32.98
C SER B 76 24.83 13.30 33.55
N LEU B 77 24.78 14.59 33.24
CA LEU B 77 23.74 15.47 33.82
C LEU B 77 22.55 15.50 32.86
N THR B 78 21.35 15.22 33.37
CA THR B 78 20.14 15.12 32.50
C THR B 78 20.46 14.19 31.32
N PRO B 79 20.97 12.96 31.53
CA PRO B 79 21.41 12.12 30.42
C PRO B 79 20.26 11.73 29.46
N GLY B 80 19.08 11.44 30.03
CA GLY B 80 17.94 11.02 29.19
C GLY B 80 17.55 12.12 28.24
N GLN B 81 17.57 13.37 28.71
CA GLN B 81 17.28 14.49 27.79
C GLN B 81 18.34 14.49 26.70
N GLN B 82 19.58 14.20 27.04
CA GLN B 82 20.64 14.28 26.01
C GLN B 82 20.37 13.26 24.90
N VAL B 83 19.95 12.04 25.25
CA VAL B 83 19.61 11.03 24.21
C VAL B 83 18.60 11.65 23.26
N ILE B 84 17.49 12.14 23.79
CA ILE B 84 16.49 12.83 22.98
C ILE B 84 17.15 13.90 22.12
N LYS B 85 18.06 14.68 22.69
CA LYS B 85 18.62 15.76 21.90
C LYS B 85 19.56 15.21 20.83
N VAL B 86 20.10 14.00 21.03
CA VAL B 86 20.85 13.32 19.97
C VAL B 86 19.92 12.91 18.84
N VAL B 87 18.84 12.19 19.18
CA VAL B 87 17.87 11.76 18.17
C VAL B 87 17.38 12.96 17.35
N GLN B 88 17.09 14.06 18.04
CA GLN B 88 16.65 15.28 17.37
C GLN B 88 17.71 15.77 16.38
N GLU B 89 18.97 15.78 16.80
CA GLU B 89 20.04 16.27 15.94
C GLU B 89 20.16 15.40 14.69
N GLU B 90 20.01 14.09 14.85
CA GLU B 90 20.12 13.19 13.71
C GLU B 90 18.89 13.25 12.82
N LEU B 91 17.70 13.40 13.41
CA LEU B 91 16.50 13.61 12.61
C LEU B 91 16.60 14.91 11.82
N THR B 92 17.19 15.94 12.43
CA THR B 92 17.35 17.22 11.74
C THR B 92 18.26 17.08 10.54
N GLU B 93 19.44 16.47 10.72
CA GLU B 93 20.35 16.27 9.60
C GLU B 93 19.73 15.36 8.54
N LEU B 94 18.88 14.43 8.95
CA LEU B 94 18.35 13.46 8.01
C LEU B 94 17.33 14.07 7.06
N MET B 95 16.71 15.19 7.46
CA MET B 95 15.76 15.91 6.61
C MET B 95 16.37 17.18 6.03
N GLY B 96 17.68 17.18 5.80
CA GLY B 96 18.39 18.39 5.40
C GLY B 96 18.78 19.19 6.63
N GLY B 97 20.02 19.67 6.67
CA GLY B 97 20.52 20.37 7.84
C GLY B 97 19.64 21.50 8.36
N GLU B 98 19.44 22.51 7.54
CA GLU B 98 18.68 23.70 7.87
C GLU B 98 18.01 24.25 6.62
N GLU B 99 17.19 25.28 6.83
CA GLU B 99 16.29 25.79 5.81
C GLU B 99 17.07 26.08 4.54
N SER B 100 16.62 25.49 3.45
CA SER B 100 17.23 25.68 2.14
C SER B 100 16.40 26.71 1.38
N LYS B 101 16.92 27.94 1.28
CA LYS B 101 16.16 29.07 0.80
C LYS B 101 16.19 29.17 -0.72
N ILE B 102 15.36 30.06 -1.24
CA ILE B 102 15.05 30.08 -2.67
C ILE B 102 16.20 30.77 -3.37
N ALA B 103 16.60 30.26 -4.54
CA ALA B 103 17.63 30.95 -5.29
C ALA B 103 17.13 32.28 -5.82
N VAL B 104 18.06 33.21 -6.00
CA VAL B 104 17.78 34.53 -6.59
C VAL B 104 18.83 34.76 -7.67
N ALA B 105 18.40 34.80 -8.92
CA ALA B 105 19.34 35.00 -10.02
C ALA B 105 20.05 36.34 -9.87
N LYS B 106 21.28 36.41 -10.41
CA LYS B 106 22.00 37.67 -10.38
C LYS B 106 21.30 38.72 -11.23
N ARG B 107 20.84 38.35 -12.42
CA ARG B 107 20.07 39.27 -13.24
C ARG B 107 18.64 38.73 -13.40
N PRO B 108 17.65 39.51 -12.99
CA PRO B 108 16.27 39.07 -13.16
C PRO B 108 15.96 38.82 -14.63
N PRO B 109 15.00 37.95 -14.92
CA PRO B 109 14.18 37.22 -13.94
C PRO B 109 14.79 35.91 -13.47
N THR B 110 14.40 35.47 -12.28
CA THR B 110 14.74 34.14 -11.80
C THR B 110 13.73 33.14 -12.37
N VAL B 111 14.22 32.17 -13.14
CA VAL B 111 13.37 31.22 -13.83
C VAL B 111 13.30 29.95 -12.99
N ILE B 112 12.10 29.60 -12.55
CA ILE B 112 11.86 28.40 -11.73
C ILE B 112 11.04 27.42 -12.55
N MET B 113 11.54 26.20 -12.69
CA MET B 113 10.93 25.17 -13.52
C MET B 113 10.26 24.14 -12.60
N MET B 114 8.94 24.01 -12.71
CA MET B 114 8.18 23.03 -11.92
C MET B 114 7.99 21.75 -12.72
N VAL B 115 8.44 20.63 -12.15
CA VAL B 115 8.28 19.34 -12.80
C VAL B 115 7.65 18.34 -11.82
N GLY B 116 7.22 17.23 -12.38
CA GLY B 116 6.58 16.18 -11.58
C GLY B 116 5.59 15.41 -12.43
N LEU B 117 4.97 14.42 -11.79
CA LEU B 117 3.98 13.58 -12.44
C LEU B 117 2.57 14.12 -12.20
N GLN B 118 1.68 13.83 -13.14
CA GLN B 118 0.28 14.24 -13.01
C GLN B 118 -0.30 13.78 -11.69
N GLY B 119 -1.02 14.68 -11.02
CA GLY B 119 -1.60 14.40 -9.72
C GLY B 119 -0.77 14.79 -8.54
N ALA B 120 0.52 15.11 -8.74
CA ALA B 120 1.37 15.48 -7.61
C ALA B 120 0.99 16.83 -7.03
N GLY B 121 0.55 17.76 -7.86
CA GLY B 121 0.21 19.09 -7.38
C GLY B 121 1.01 20.19 -8.04
N LYS B 122 1.51 19.94 -9.25
CA LYS B 122 2.34 20.93 -9.95
C LYS B 122 1.59 22.24 -10.15
N THR B 123 0.43 22.19 -10.79
CA THR B 123 -0.29 23.40 -11.15
C THR B 123 -0.68 24.20 -9.91
N THR B 124 -1.22 23.51 -8.89
CA THR B 124 -1.61 24.20 -7.66
C THR B 124 -0.39 24.79 -6.96
N THR B 125 0.71 24.03 -6.88
CA THR B 125 1.89 24.51 -6.18
C THR B 125 2.52 25.71 -6.88
N SER B 126 2.48 25.73 -8.22
CA SER B 126 2.93 26.90 -8.96
C SER B 126 2.23 28.16 -8.46
N GLY B 127 0.92 28.10 -8.31
CA GLY B 127 0.18 29.24 -7.78
C GLY B 127 0.55 29.55 -6.33
N LYS B 128 0.77 28.51 -5.53
CA LYS B 128 1.16 28.71 -4.14
C LYS B 128 2.52 29.42 -4.06
N LEU B 129 3.48 28.97 -4.86
CA LEU B 129 4.82 29.55 -4.80
C LEU B 129 4.80 31.01 -5.23
N ALA B 130 4.08 31.32 -6.31
CA ALA B 130 3.93 32.71 -6.71
C ALA B 130 3.31 33.55 -5.60
N ASN B 131 2.34 32.98 -4.90
CA ASN B 131 1.72 33.69 -3.78
C ASN B 131 2.72 33.93 -2.66
N LEU B 132 3.53 32.92 -2.33
CA LEU B 132 4.51 33.07 -1.26
C LEU B 132 5.58 34.09 -1.63
N LEU B 133 6.00 34.12 -2.90
CA LEU B 133 7.03 35.06 -3.31
C LEU B 133 6.56 36.50 -3.13
N ARG B 134 5.26 36.75 -3.32
CA ARG B 134 4.74 38.12 -3.23
C ARG B 134 4.55 38.55 -1.78
N LYS B 135 3.80 37.77 -0.99
CA LYS B 135 3.55 38.14 0.41
C LYS B 135 4.80 38.02 1.28
N LYS B 136 5.63 36.98 1.12
CA LYS B 136 6.74 36.87 2.05
C LYS B 136 8.00 37.60 1.60
N HIS B 137 8.24 37.72 0.29
CA HIS B 137 9.47 38.31 -0.21
C HIS B 137 9.25 39.59 -1.01
N ASN B 138 8.01 39.99 -1.24
CA ASN B 138 7.67 41.22 -1.96
C ASN B 138 8.23 41.19 -3.38
N ARG B 139 7.91 40.13 -4.11
CA ARG B 139 8.34 39.93 -5.48
C ARG B 139 7.18 40.15 -6.44
N LYS B 140 7.49 40.00 -7.73
CA LYS B 140 6.54 40.27 -8.82
C LYS B 140 6.63 39.12 -9.82
N PRO B 141 5.96 38.00 -9.53
CA PRO B 141 6.14 36.78 -10.33
C PRO B 141 5.16 36.68 -11.49
N MET B 142 5.42 35.69 -12.35
CA MET B 142 4.64 35.45 -13.55
C MET B 142 4.51 33.96 -13.79
N LEU B 143 3.28 33.49 -13.91
CA LEU B 143 2.99 32.08 -14.14
C LEU B 143 2.92 31.80 -15.65
N VAL B 144 3.38 30.62 -16.04
CA VAL B 144 3.46 30.23 -17.45
C VAL B 144 2.76 28.89 -17.65
N ALA B 145 2.02 28.77 -18.74
CA ALA B 145 1.21 27.59 -19.05
C ALA B 145 1.96 26.73 -20.06
N ALA B 146 2.80 25.83 -19.57
CA ALA B 146 3.63 24.99 -20.41
C ALA B 146 3.11 23.56 -20.53
N ASP B 147 2.03 23.21 -19.83
CA ASP B 147 1.41 21.90 -19.93
C ASP B 147 0.25 22.01 -20.91
N ILE B 148 0.50 21.67 -22.18
CA ILE B 148 -0.51 21.75 -23.23
C ILE B 148 -1.27 20.44 -23.42
N TYR B 149 -0.85 19.36 -22.77
CA TYR B 149 -1.29 18.02 -23.15
C TYR B 149 -2.58 17.60 -22.46
N ARG B 150 -3.01 18.30 -21.42
CA ARG B 150 -4.37 18.07 -20.99
C ARG B 150 -5.22 19.30 -21.24
N PRO B 151 -6.47 19.13 -21.64
CA PRO B 151 -7.41 20.24 -21.54
C PRO B 151 -7.73 20.52 -20.08
N ALA B 152 -8.17 21.76 -19.83
CA ALA B 152 -8.49 22.28 -18.50
C ALA B 152 -7.23 22.59 -17.68
N ALA B 153 -6.07 22.05 -18.09
CA ALA B 153 -4.83 22.38 -17.38
C ALA B 153 -4.53 23.87 -17.48
N ILE B 154 -4.86 24.46 -18.62
CA ILE B 154 -4.50 25.84 -18.89
C ILE B 154 -5.45 26.76 -18.13
N LYS B 155 -6.75 26.50 -18.28
CA LYS B 155 -7.77 27.23 -17.55
C LYS B 155 -7.61 27.08 -16.04
N GLN B 156 -7.08 25.95 -15.59
CA GLN B 156 -6.83 25.77 -14.15
C GLN B 156 -5.79 26.78 -13.67
N LEU B 157 -4.68 26.92 -14.39
CA LEU B 157 -3.68 27.91 -14.03
C LEU B 157 -4.21 29.33 -14.17
N GLU B 158 -4.91 29.61 -15.28
CA GLU B 158 -5.48 30.94 -15.48
C GLU B 158 -6.44 31.30 -14.36
N THR B 159 -7.19 30.32 -13.86
CA THR B 159 -8.12 30.59 -12.77
C THR B 159 -7.38 30.93 -11.48
N LEU B 160 -6.29 30.21 -11.20
CA LEU B 160 -5.47 30.56 -10.04
C LEU B 160 -4.82 31.93 -10.22
N GLY B 161 -4.40 32.26 -11.44
CA GLY B 161 -3.81 33.56 -11.69
C GLY B 161 -4.75 34.71 -11.43
N LYS B 162 -6.05 34.50 -11.67
CA LYS B 162 -7.01 35.57 -11.48
C LYS B 162 -7.29 35.82 -10.00
N GLN B 163 -7.13 34.81 -9.16
CA GLN B 163 -7.26 35.01 -7.72
C GLN B 163 -6.02 35.66 -7.11
N LEU B 164 -4.89 35.63 -7.82
CA LEU B 164 -3.64 36.22 -7.35
C LEU B 164 -3.38 37.60 -7.93
N ASP B 165 -4.10 37.99 -8.98
CA ASP B 165 -3.78 39.18 -9.77
C ASP B 165 -2.34 39.11 -10.28
N MET B 166 -2.02 37.98 -10.91
CA MET B 166 -0.73 37.76 -11.54
C MET B 166 -0.94 37.21 -12.94
N PRO B 167 -0.14 37.65 -13.91
CA PRO B 167 -0.35 37.20 -15.29
C PRO B 167 -0.04 35.72 -15.44
N VAL B 168 -0.73 35.10 -16.41
CA VAL B 168 -0.55 33.69 -16.75
C VAL B 168 -0.28 33.64 -18.24
N PHE B 169 0.98 33.43 -18.63
CA PHE B 169 1.35 33.41 -20.04
C PHE B 169 0.87 32.14 -20.71
N SER B 170 0.24 32.28 -21.88
CA SER B 170 -0.30 31.15 -22.60
C SER B 170 -0.33 31.46 -24.09
N LEU B 171 -0.03 30.45 -24.90
CA LEU B 171 -0.17 30.52 -26.35
C LEU B 171 -1.08 29.42 -26.86
N GLY B 172 -2.01 28.96 -26.03
CA GLY B 172 -2.87 27.85 -26.39
C GLY B 172 -2.15 26.52 -26.27
N ASP B 173 -2.76 25.50 -26.88
CA ASP B 173 -2.25 24.13 -26.78
C ASP B 173 -1.72 23.62 -28.12
N GLN B 174 -1.61 24.47 -29.13
CA GLN B 174 -1.10 24.05 -30.44
C GLN B 174 0.33 24.52 -30.68
N VAL B 175 1.03 24.96 -29.63
CA VAL B 175 2.38 25.49 -29.73
C VAL B 175 3.28 24.72 -28.78
N SER B 176 4.53 24.51 -29.19
CA SER B 176 5.45 23.72 -28.38
C SER B 176 5.72 24.44 -27.06
N PRO B 177 5.85 23.70 -25.95
CA PRO B 177 6.26 24.33 -24.68
C PRO B 177 7.62 25.01 -24.77
N VAL B 178 8.45 24.66 -25.75
CA VAL B 178 9.75 25.31 -25.88
C VAL B 178 9.59 26.76 -26.33
N GLU B 179 8.70 27.00 -27.30
CA GLU B 179 8.34 28.37 -27.65
C GLU B 179 7.75 29.10 -26.46
N ILE B 180 6.76 28.47 -25.80
CA ILE B 180 6.01 29.12 -24.73
C ILE B 180 6.96 29.62 -23.65
N ALA B 181 7.90 28.76 -23.23
CA ALA B 181 8.88 29.16 -22.23
C ALA B 181 9.75 30.30 -22.74
N LYS B 182 10.22 30.19 -23.99
CA LYS B 182 11.06 31.22 -24.58
C LYS B 182 10.39 32.59 -24.55
N GLN B 183 9.23 32.70 -25.20
CA GLN B 183 8.51 33.97 -25.25
C GLN B 183 8.15 34.47 -23.87
N ALA B 184 7.80 33.56 -22.95
CA ALA B 184 7.41 33.96 -21.61
C ALA B 184 8.53 34.70 -20.90
N ILE B 185 9.76 34.20 -21.05
CA ILE B 185 10.89 34.82 -20.30
C ILE B 185 11.20 36.20 -20.89
N GLU B 186 11.09 36.34 -22.21
CA GLU B 186 11.39 37.63 -22.87
C GLU B 186 10.42 38.71 -22.37
N LYS B 187 9.14 38.37 -22.28
CA LYS B 187 8.13 39.37 -21.85
C LYS B 187 8.45 39.79 -20.43
N ALA B 188 8.86 38.84 -19.61
CA ALA B 188 9.14 39.15 -18.19
C ALA B 188 10.30 40.15 -18.10
N LYS B 189 11.31 39.97 -18.95
CA LYS B 189 12.46 40.91 -18.94
C LYS B 189 11.97 42.31 -19.32
N GLU B 190 11.15 42.38 -20.36
CA GLU B 190 10.66 43.69 -20.84
C GLU B 190 9.79 44.35 -19.76
N GLU B 191 8.97 43.57 -19.06
CA GLU B 191 8.01 44.17 -18.09
C GLU B 191 8.52 44.11 -16.66
N HIS B 192 9.81 43.80 -16.46
CA HIS B 192 10.42 43.82 -15.11
C HIS B 192 9.81 42.85 -14.10
N TYR B 193 9.52 41.60 -14.51
CA TYR B 193 9.02 40.58 -13.54
C TYR B 193 10.21 39.93 -12.83
N ASP B 194 10.17 39.89 -11.49
CA ASP B 194 11.26 39.30 -10.67
C ASP B 194 11.39 37.79 -10.89
N TYR B 195 10.28 37.07 -10.96
CA TYR B 195 10.35 35.59 -11.04
C TYR B 195 9.47 35.04 -12.16
N VAL B 196 9.87 33.92 -12.75
CA VAL B 196 9.05 33.25 -13.80
C VAL B 196 8.89 31.79 -13.37
N ILE B 197 7.65 31.32 -13.20
CA ILE B 197 7.36 29.97 -12.72
C ILE B 197 6.69 29.20 -13.84
N LEU B 198 7.34 28.13 -14.29
CA LEU B 198 6.86 27.34 -15.42
C LEU B 198 6.17 26.08 -14.90
N ASP B 199 4.91 25.91 -15.28
CA ASP B 199 4.14 24.71 -14.93
C ASP B 199 4.25 23.73 -16.10
N THR B 200 5.07 22.69 -15.93
CA THR B 200 5.40 21.81 -17.04
C THR B 200 4.43 20.64 -17.13
N ALA B 201 4.58 19.85 -18.19
CA ALA B 201 3.67 18.77 -18.51
C ALA B 201 4.05 17.50 -17.75
N GLY B 202 3.13 16.54 -17.76
CA GLY B 202 3.36 15.28 -17.09
C GLY B 202 2.18 14.34 -17.22
N ARG B 203 2.46 13.06 -17.43
CA ARG B 203 1.44 12.03 -17.43
C ARG B 203 1.53 11.26 -16.12
N LEU B 204 0.92 10.07 -16.08
CA LEU B 204 0.83 9.34 -14.83
C LEU B 204 2.17 8.69 -14.49
N HIS B 205 3.01 8.47 -15.48
CA HIS B 205 4.29 7.80 -15.31
C HIS B 205 5.34 8.49 -16.17
N ILE B 206 6.61 8.32 -15.76
CA ILE B 206 7.71 8.88 -16.53
C ILE B 206 7.84 8.14 -17.86
N ASP B 207 8.22 8.89 -18.90
CA ASP B 207 8.35 8.34 -20.23
C ASP B 207 9.35 9.18 -21.01
N HIS B 208 9.89 8.59 -22.09
CA HIS B 208 10.95 9.27 -22.84
C HIS B 208 10.45 10.59 -23.43
N GLU B 209 9.20 10.62 -23.89
CA GLU B 209 8.64 11.84 -24.47
C GLU B 209 8.64 12.98 -23.45
N LEU B 210 8.38 12.66 -22.19
CA LEU B 210 8.37 13.69 -21.15
C LEU B 210 9.76 14.26 -20.92
N MET B 211 10.77 13.40 -20.78
CA MET B 211 12.11 13.87 -20.45
C MET B 211 12.74 14.62 -21.62
N ASP B 212 12.48 14.17 -22.85
CA ASP B 212 12.96 14.90 -24.02
C ASP B 212 12.45 16.34 -24.02
N GLU B 213 11.18 16.53 -23.66
CA GLU B 213 10.60 17.87 -23.64
C GLU B 213 11.17 18.69 -22.48
N LEU B 214 11.31 18.07 -21.31
CA LEU B 214 11.80 18.81 -20.15
C LEU B 214 13.24 19.25 -20.35
N THR B 215 14.08 18.41 -20.97
CA THR B 215 15.44 18.81 -21.26
C THR B 215 15.47 19.93 -22.30
N ASN B 216 14.56 19.88 -23.28
CA ASN B 216 14.47 20.96 -24.25
C ASN B 216 14.06 22.28 -23.60
N VAL B 217 13.21 22.20 -22.57
CA VAL B 217 12.75 23.42 -21.90
C VAL B 217 13.85 23.97 -20.99
N LYS B 218 14.47 23.10 -20.19
CA LYS B 218 15.64 23.50 -19.41
C LYS B 218 16.68 24.17 -20.29
N GLU B 219 16.89 23.64 -21.49
CA GLU B 219 17.87 24.20 -22.40
C GLU B 219 17.51 25.61 -22.82
N ILE B 220 16.26 25.82 -23.23
CA ILE B 220 15.89 27.08 -23.85
C ILE B 220 15.73 28.15 -22.78
N ALA B 221 15.54 27.72 -21.51
CA ALA B 221 15.13 28.60 -20.42
C ALA B 221 16.20 28.84 -19.37
N ASN B 222 17.23 27.99 -19.31
CA ASN B 222 18.32 28.07 -18.34
C ASN B 222 17.81 28.41 -16.94
N PRO B 223 17.02 27.54 -16.34
CA PRO B 223 16.39 27.89 -15.05
C PRO B 223 17.40 27.91 -13.92
N GLU B 224 17.17 28.81 -12.97
CA GLU B 224 18.00 28.86 -11.78
C GLU B 224 17.59 27.83 -10.74
N GLU B 225 16.34 27.38 -10.77
CA GLU B 225 15.84 26.32 -9.90
C GLU B 225 15.00 25.37 -10.73
N ILE B 226 15.14 24.08 -10.47
CA ILE B 226 14.23 23.07 -11.01
C ILE B 226 13.66 22.31 -9.83
N PHE B 227 12.36 22.46 -9.61
CA PHE B 227 11.69 21.89 -8.44
C PHE B 227 10.85 20.70 -8.86
N LEU B 228 11.06 19.56 -8.20
CA LEU B 228 10.17 18.43 -8.33
C LEU B 228 9.03 18.58 -7.33
N VAL B 229 7.81 18.65 -7.84
CA VAL B 229 6.61 18.60 -7.01
C VAL B 229 6.19 17.15 -6.92
N VAL B 230 6.13 16.60 -5.70
CA VAL B 230 5.90 15.18 -5.51
C VAL B 230 4.97 14.95 -4.33
N ASP B 231 4.08 13.96 -4.47
CA ASP B 231 3.04 13.68 -3.49
C ASP B 231 3.64 12.96 -2.29
N SER B 232 3.57 13.60 -1.12
CA SER B 232 4.18 13.04 0.08
C SER B 232 3.51 11.74 0.52
N MET B 233 2.24 11.55 0.18
CA MET B 233 1.51 10.38 0.65
C MET B 233 1.93 9.10 -0.06
N THR B 234 2.77 9.18 -1.10
CA THR B 234 3.20 8.01 -1.83
C THR B 234 4.45 7.34 -1.23
N GLY B 235 4.96 7.85 -0.12
CA GLY B 235 6.03 7.14 0.58
C GLY B 235 7.28 6.98 -0.28
N GLN B 236 7.78 5.73 -0.38
CA GLN B 236 8.99 5.52 -1.17
C GLN B 236 8.77 5.69 -2.67
N ASP B 237 7.52 5.67 -3.15
CA ASP B 237 7.32 5.97 -4.55
C ASP B 237 7.75 7.40 -4.87
N ALA B 238 7.55 8.32 -3.93
CA ALA B 238 8.03 9.69 -4.12
C ALA B 238 9.55 9.74 -4.17
N VAL B 239 10.21 8.95 -3.32
CA VAL B 239 11.68 8.90 -3.34
C VAL B 239 12.18 8.42 -4.69
N ASN B 240 11.45 7.48 -5.32
CA ASN B 240 11.89 6.93 -6.59
C ASN B 240 11.61 7.88 -7.75
N VAL B 241 10.47 8.58 -7.72
CA VAL B 241 10.23 9.62 -8.71
C VAL B 241 11.31 10.69 -8.63
N ALA B 242 11.72 11.04 -7.40
CA ALA B 242 12.79 12.01 -7.23
C ALA B 242 14.11 11.50 -7.81
N LYS B 243 14.42 10.23 -7.56
CA LYS B 243 15.68 9.67 -8.07
C LYS B 243 15.71 9.68 -9.59
N SER B 244 14.59 9.34 -10.23
CA SER B 244 14.56 9.29 -11.69
C SER B 244 14.66 10.68 -12.30
N PHE B 245 13.97 11.66 -11.72
CA PHE B 245 14.03 13.01 -12.24
C PHE B 245 15.42 13.61 -12.07
N ASN B 246 16.05 13.40 -10.91
CA ASN B 246 17.35 13.96 -10.64
C ASN B 246 18.42 13.39 -11.58
N GLU B 247 18.21 12.18 -12.08
CA GLU B 247 19.20 11.58 -12.97
C GLU B 247 19.02 12.04 -14.41
N GLN B 248 17.78 12.14 -14.88
CA GLN B 248 17.53 12.49 -16.27
C GLN B 248 17.53 14.00 -16.52
N LEU B 249 17.16 14.81 -15.54
CA LEU B 249 17.41 16.25 -15.61
C LEU B 249 17.91 16.68 -14.23
N GLY B 250 18.37 17.92 -14.14
CA GLY B 250 18.93 18.38 -12.89
C GLY B 250 17.94 18.96 -11.91
N LEU B 251 17.75 18.31 -10.77
CA LEU B 251 16.91 18.84 -9.70
C LEU B 251 17.74 19.71 -8.77
N THR B 252 17.18 20.85 -8.38
CA THR B 252 17.76 21.67 -7.33
C THR B 252 16.91 21.73 -6.06
N GLY B 253 15.65 21.31 -6.13
CA GLY B 253 14.79 21.36 -4.96
C GLY B 253 13.63 20.40 -5.10
N VAL B 254 12.93 20.21 -3.98
CA VAL B 254 11.75 19.35 -3.92
C VAL B 254 10.68 20.05 -3.10
N VAL B 255 9.45 20.04 -3.60
CA VAL B 255 8.28 20.53 -2.87
C VAL B 255 7.42 19.32 -2.53
N LEU B 256 7.23 19.08 -1.24
CA LEU B 256 6.43 17.95 -0.77
C LEU B 256 4.99 18.41 -0.55
N THR B 257 4.06 17.82 -1.29
CA THR B 257 2.65 18.19 -1.22
C THR B 257 1.86 17.19 -0.38
N LYS B 258 0.73 17.68 0.15
CA LYS B 258 -0.24 16.85 0.85
C LYS B 258 0.31 16.28 2.15
N LEU B 259 1.10 17.10 2.88
CA LEU B 259 1.47 16.74 4.24
C LEU B 259 0.24 16.64 5.14
N ASP B 260 -0.81 17.42 4.83
CA ASP B 260 -2.03 17.45 5.64
C ASP B 260 -2.75 16.10 5.57
N GLY B 261 -2.21 15.16 4.80
CA GLY B 261 -2.75 13.81 4.77
C GLY B 261 -1.71 12.74 5.01
N ASP B 262 -0.47 13.14 5.30
CA ASP B 262 0.64 12.21 5.48
C ASP B 262 0.96 12.10 6.97
N THR B 263 0.68 10.93 7.53
CA THR B 263 0.92 10.66 8.94
C THR B 263 2.22 9.90 9.19
N ARG B 264 2.89 9.44 8.15
CA ARG B 264 4.08 8.59 8.29
C ARG B 264 5.36 9.39 8.13
N GLY B 265 5.55 10.03 6.98
CA GLY B 265 6.71 10.86 6.75
C GLY B 265 7.90 10.17 6.13
N GLY B 266 7.71 8.98 5.56
CA GLY B 266 8.85 8.26 4.99
C GLY B 266 9.58 9.05 3.93
N ALA B 267 8.84 9.65 2.99
CA ALA B 267 9.46 10.42 1.92
C ALA B 267 10.31 11.56 2.50
N ALA B 268 9.76 12.31 3.44
CA ALA B 268 10.47 13.49 3.96
C ALA B 268 11.74 13.10 4.70
N LEU B 269 11.77 11.91 5.32
CA LEU B 269 12.96 11.46 6.04
C LEU B 269 13.99 10.82 5.11
N SER B 270 13.67 10.65 3.83
CA SER B 270 14.49 9.84 2.94
C SER B 270 14.99 10.56 1.71
N ILE B 271 14.27 11.60 1.22
CA ILE B 271 14.62 12.24 -0.05
C ILE B 271 16.10 12.57 -0.10
N ARG B 272 16.60 13.25 0.93
CA ARG B 272 17.97 13.72 0.89
C ARG B 272 18.96 12.58 0.79
N ALA B 273 18.91 11.65 1.74
CA ALA B 273 19.90 10.57 1.79
C ALA B 273 20.02 9.88 0.44
N VAL B 274 18.92 9.76 -0.29
CA VAL B 274 18.91 8.99 -1.52
C VAL B 274 19.26 9.82 -2.75
N THR B 275 18.89 11.10 -2.78
CA THR B 275 19.08 11.94 -3.95
C THR B 275 19.95 13.17 -3.74
N ASN B 276 20.27 13.51 -2.48
CA ASN B 276 21.01 14.72 -2.13
C ASN B 276 20.33 15.99 -2.62
N THR B 277 19.04 15.93 -2.92
CA THR B 277 18.27 17.12 -3.27
C THR B 277 17.55 17.64 -2.05
N PRO B 278 17.65 18.93 -1.74
CA PRO B 278 17.01 19.45 -0.53
C PRO B 278 15.53 19.70 -0.74
N ILE B 279 14.78 19.58 0.37
CA ILE B 279 13.35 19.87 0.38
C ILE B 279 13.17 21.34 0.73
N LYS B 280 12.56 22.10 -0.17
CA LYS B 280 12.47 23.54 -0.02
C LYS B 280 11.14 24.02 0.54
N PHE B 281 10.03 23.38 0.21
CA PHE B 281 8.72 23.81 0.67
C PHE B 281 7.84 22.60 0.95
N ALA B 282 6.79 22.84 1.72
CA ALA B 282 5.79 21.82 2.03
C ALA B 282 4.40 22.37 1.70
N GLY B 283 3.62 21.58 0.96
CA GLY B 283 2.23 21.90 0.73
C GLY B 283 1.37 21.35 1.85
N LEU B 284 0.45 22.17 2.34
CA LEU B 284 -0.30 21.85 3.55
C LEU B 284 -1.81 21.92 3.35
N GLY B 285 -2.28 21.89 2.11
CA GLY B 285 -3.70 21.97 1.86
C GLY B 285 -3.99 22.43 0.44
N GLU B 286 -5.26 22.70 0.20
CA GLU B 286 -5.75 23.01 -1.14
C GLU B 286 -5.69 24.49 -1.49
N LYS B 287 -5.77 25.37 -0.51
CA LYS B 287 -5.80 26.79 -0.84
C LYS B 287 -4.41 27.29 -1.22
N LEU B 288 -4.38 28.40 -1.95
CA LEU B 288 -3.14 28.97 -2.46
C LEU B 288 -2.20 29.42 -1.36
N ASP B 289 -2.68 29.53 -0.12
CA ASP B 289 -1.91 30.05 0.99
C ASP B 289 -1.35 28.96 1.90
N ALA B 290 -1.48 27.70 1.50
CA ALA B 290 -1.01 26.56 2.28
C ALA B 290 0.33 26.05 1.75
N LEU B 291 1.34 26.91 1.83
CA LEU B 291 2.71 26.54 1.47
C LEU B 291 3.65 27.19 2.48
N GLU B 292 4.49 26.38 3.11
CA GLU B 292 5.43 26.87 4.09
C GLU B 292 6.84 26.43 3.73
N PRO B 293 7.85 27.20 4.10
CA PRO B 293 9.23 26.72 3.94
C PRO B 293 9.49 25.53 4.85
N PHE B 294 10.23 24.57 4.32
CA PHE B 294 10.54 23.35 5.06
C PHE B 294 11.63 23.63 6.08
N HIS B 295 11.30 23.47 7.36
CA HIS B 295 12.18 23.80 8.48
C HIS B 295 12.52 22.51 9.21
N PRO B 296 13.63 21.85 8.86
CA PRO B 296 13.91 20.51 9.41
C PRO B 296 13.99 20.46 10.92
N GLU B 297 14.46 21.53 11.56
CA GLU B 297 14.47 21.60 13.02
C GLU B 297 13.06 21.41 13.58
N ARG B 298 12.13 22.30 13.19
CA ARG B 298 10.78 22.28 13.74
C ARG B 298 10.10 20.93 13.52
N MET B 299 10.31 20.32 12.36
CA MET B 299 9.73 18.99 12.12
C MET B 299 10.35 17.96 13.07
N ALA B 300 11.67 17.96 13.22
CA ALA B 300 12.31 17.04 14.16
C ALA B 300 11.78 17.23 15.57
N SER B 301 11.67 18.48 16.03
CA SER B 301 11.07 18.75 17.32
C SER B 301 9.63 18.27 17.36
N ARG B 302 8.92 18.38 16.25
CA ARG B 302 7.54 17.92 16.19
C ARG B 302 7.45 16.41 16.33
N ILE B 303 8.36 15.67 15.71
CA ILE B 303 8.17 14.22 15.70
C ILE B 303 8.45 13.62 17.07
N LEU B 304 9.28 14.30 17.88
CA LEU B 304 9.60 13.84 19.22
C LEU B 304 8.79 14.55 20.31
N GLY B 305 7.90 15.46 19.93
CA GLY B 305 7.00 16.10 20.89
C GLY B 305 7.64 17.13 21.78
N MET B 306 8.68 17.82 21.30
CA MET B 306 9.56 18.62 22.13
C MET B 306 9.26 20.10 22.04
N GLY B 307 9.87 20.84 22.98
CA GLY B 307 9.71 22.28 23.06
C GLY B 307 11.03 23.02 22.85
N ASP B 308 10.89 24.32 22.58
CA ASP B 308 11.99 25.21 22.24
C ASP B 308 13.11 25.19 23.28
N MET C 9 16.45 -9.53 11.11
CA MET C 9 16.22 -10.48 12.14
C MET C 9 14.91 -11.29 11.97
N GLY C 10 13.74 -10.63 11.98
CA GLY C 10 12.49 -11.38 11.76
C GLY C 10 11.23 -10.55 11.70
N PHE C 11 10.08 -11.17 11.94
CA PHE C 11 8.77 -10.48 11.83
C PHE C 11 8.38 -9.84 13.15
N GLU C 12 8.99 -8.71 13.49
CA GLU C 12 8.79 -8.07 14.82
C GLU C 12 7.37 -7.53 15.02
N GLY C 13 6.69 -7.10 13.98
CA GLY C 13 5.36 -6.47 14.17
C GLY C 13 4.31 -7.48 14.53
N LEU C 14 4.24 -8.58 13.79
CA LEU C 14 3.26 -9.65 14.09
C LEU C 14 3.57 -10.20 15.48
N ALA C 15 4.84 -10.43 15.76
CA ALA C 15 5.23 -11.03 17.06
C ALA C 15 4.77 -10.15 18.20
N ASP C 16 4.98 -8.85 18.09
CA ASP C 16 4.62 -7.94 19.21
C ASP C 16 3.12 -8.03 19.47
N ARG C 17 2.31 -7.95 18.41
CA ARG C 17 0.84 -7.95 18.58
C ARG C 17 0.38 -9.30 19.15
N LEU C 18 0.94 -10.39 18.66
CA LEU C 18 0.45 -11.72 19.07
C LEU C 18 0.89 -12.07 20.49
N GLN C 19 2.11 -11.72 20.88
CA GLN C 19 2.63 -12.16 22.20
C GLN C 19 1.71 -11.68 23.31
N GLN C 20 1.29 -10.43 23.25
CA GLN C 20 0.36 -9.91 24.28
C GLN C 20 -0.80 -10.88 24.44
N THR C 21 -1.40 -11.30 23.34
CA THR C 21 -2.51 -12.26 23.40
C THR C 21 -2.05 -13.60 23.93
N ILE C 22 -0.92 -14.10 23.42
CA ILE C 22 -0.45 -15.43 23.78
C ILE C 22 -0.12 -15.53 25.26
N SER C 23 0.45 -14.47 25.83
CA SER C 23 0.86 -14.52 27.24
C SER C 23 -0.33 -14.80 28.15
N LYS C 24 -1.49 -14.20 27.86
CA LYS C 24 -2.67 -14.47 28.67
C LYS C 24 -3.03 -15.95 28.68
N ILE C 25 -3.07 -16.56 27.50
CA ILE C 25 -3.61 -17.91 27.38
C ILE C 25 -2.63 -18.95 27.91
N ARG C 26 -1.33 -18.69 27.81
CA ARG C 26 -0.32 -19.73 28.09
C ARG C 26 -0.45 -20.29 29.50
N GLY C 27 -0.72 -19.45 30.48
CA GLY C 27 -0.76 -19.89 31.86
C GLY C 27 -2.12 -20.32 32.38
N LYS C 28 -3.17 -20.15 31.59
CA LYS C 28 -4.52 -20.46 32.03
C LYS C 28 -4.65 -21.89 32.52
N GLY C 29 -5.49 -22.09 33.54
CA GLY C 29 -5.82 -23.41 34.01
C GLY C 29 -7.13 -23.90 33.45
N LYS C 30 -7.91 -22.99 32.88
CA LYS C 30 -9.19 -23.30 32.25
C LYS C 30 -9.36 -22.43 31.03
N VAL C 31 -9.70 -23.03 29.91
CA VAL C 31 -9.89 -22.33 28.65
C VAL C 31 -11.33 -22.56 28.19
N SER C 32 -12.15 -21.52 28.25
CA SER C 32 -13.53 -21.68 27.80
C SER C 32 -13.59 -21.65 26.28
N GLU C 33 -14.71 -22.14 25.75
CA GLU C 33 -14.97 -22.03 24.31
C GLU C 33 -15.01 -20.57 23.89
N GLN C 34 -15.71 -19.74 24.66
CA GLN C 34 -15.68 -18.29 24.41
C GLN C 34 -14.25 -17.80 24.36
N ASP C 35 -13.42 -18.22 25.31
CA ASP C 35 -12.04 -17.74 25.40
C ASP C 35 -11.29 -17.96 24.09
N VAL C 36 -11.49 -19.13 23.47
CA VAL C 36 -10.87 -19.40 22.18
C VAL C 36 -11.40 -18.43 21.13
N LYS C 37 -12.69 -18.08 21.20
CA LYS C 37 -13.29 -17.22 20.21
C LYS C 37 -12.72 -15.81 20.28
N GLU C 38 -12.53 -15.26 21.49
CA GLU C 38 -11.89 -13.95 21.62
C GLU C 38 -10.46 -13.98 21.13
N MET C 39 -9.73 -15.05 21.44
CA MET C 39 -8.32 -15.13 21.06
C MET C 39 -8.16 -15.15 19.55
N MET C 40 -9.01 -15.91 18.85
CA MET C 40 -8.86 -16.04 17.40
C MET C 40 -9.32 -14.79 16.68
N ARG C 41 -10.24 -14.02 17.27
CA ARG C 41 -10.59 -12.72 16.70
C ARG C 41 -9.38 -11.80 16.64
N GLU C 42 -8.47 -11.92 17.61
CA GLU C 42 -7.26 -11.10 17.62
C GLU C 42 -6.15 -11.72 16.79
N VAL C 43 -6.07 -13.05 16.73
CA VAL C 43 -5.09 -13.70 15.85
C VAL C 43 -5.42 -13.40 14.39
N ARG C 44 -6.70 -13.54 14.02
CA ARG C 44 -7.13 -13.25 12.66
C ARG C 44 -6.81 -11.81 12.27
N LEU C 45 -7.14 -10.87 13.16
CA LEU C 45 -6.84 -9.46 12.92
C LEU C 45 -5.35 -9.23 12.71
N ALA C 46 -4.52 -9.88 13.52
CA ALA C 46 -3.08 -9.69 13.41
C ALA C 46 -2.54 -10.27 12.11
N LEU C 47 -3.06 -11.43 11.68
CA LEU C 47 -2.62 -12.03 10.44
C LEU C 47 -3.04 -11.19 9.24
N LEU C 48 -4.28 -10.71 9.24
CA LEU C 48 -4.76 -9.88 8.14
C LEU C 48 -3.97 -8.58 8.05
N GLU C 49 -3.76 -7.92 9.19
CA GLU C 49 -2.96 -6.70 9.19
C GLU C 49 -1.49 -6.96 8.88
N ALA C 50 -1.06 -8.22 8.88
CA ALA C 50 0.30 -8.58 8.50
C ALA C 50 0.42 -8.96 7.03
N ASP C 51 -0.64 -8.75 6.25
CA ASP C 51 -0.64 -8.95 4.80
C ASP C 51 -0.57 -10.43 4.42
N VAL C 52 -1.14 -11.30 5.24
CA VAL C 52 -1.31 -12.70 4.86
C VAL C 52 -2.57 -12.83 4.03
N ASN C 53 -2.48 -13.55 2.91
CA ASN C 53 -3.66 -13.98 2.16
C ASN C 53 -4.78 -14.47 3.06
N PHE C 54 -6.01 -14.03 2.74
CA PHE C 54 -7.09 -14.16 3.71
C PHE C 54 -7.84 -15.47 3.50
N LYS C 55 -7.65 -16.10 2.33
CA LYS C 55 -7.97 -17.51 2.18
C LYS C 55 -7.10 -18.35 3.11
N VAL C 56 -5.81 -18.02 3.18
CA VAL C 56 -4.92 -18.66 4.15
C VAL C 56 -5.41 -18.38 5.57
N VAL C 57 -5.71 -17.11 5.85
CA VAL C 57 -6.11 -16.73 7.19
C VAL C 57 -7.37 -17.48 7.63
N LYS C 58 -8.33 -17.65 6.73
CA LYS C 58 -9.54 -18.26 7.25
C LYS C 58 -9.42 -19.78 7.36
N ASP C 59 -8.61 -20.41 6.53
CA ASP C 59 -8.32 -21.82 6.77
C ASP C 59 -7.57 -21.99 8.09
N PHE C 60 -6.57 -21.13 8.33
CA PHE C 60 -5.81 -21.21 9.57
C PHE C 60 -6.68 -20.95 10.79
N VAL C 61 -7.54 -19.93 10.72
CA VAL C 61 -8.40 -19.60 11.87
C VAL C 61 -9.33 -20.76 12.19
N LYS C 62 -9.90 -21.38 11.15
CA LYS C 62 -10.90 -22.42 11.35
C LYS C 62 -10.27 -23.73 11.81
N LYS C 63 -9.09 -24.07 11.27
CA LYS C 63 -8.40 -25.28 11.69
C LYS C 63 -8.01 -25.20 13.17
N VAL C 64 -7.46 -24.06 13.60
CA VAL C 64 -6.98 -23.96 14.97
C VAL C 64 -8.16 -23.91 15.94
N SER C 65 -9.24 -23.24 15.57
CA SER C 65 -10.41 -23.17 16.45
C SER C 65 -10.98 -24.55 16.72
N GLU C 66 -10.99 -25.42 15.70
CA GLU C 66 -11.55 -26.75 15.87
C GLU C 66 -10.72 -27.59 16.84
N ARG C 67 -9.39 -27.53 16.74
CA ARG C 67 -8.53 -28.29 17.63
C ARG C 67 -8.40 -27.67 19.01
N ALA C 68 -8.67 -26.37 19.13
CA ALA C 68 -8.48 -25.72 20.44
C ALA C 68 -9.62 -26.09 21.36
N VAL C 69 -10.77 -26.46 20.80
CA VAL C 69 -11.94 -26.87 21.63
C VAL C 69 -11.89 -28.39 21.74
N GLY C 70 -10.86 -29.00 21.17
CA GLY C 70 -10.71 -30.46 21.24
C GLY C 70 -10.50 -30.94 22.66
N GLN C 71 -10.95 -32.15 22.98
CA GLN C 71 -10.87 -32.68 24.36
C GLN C 71 -9.41 -32.79 24.80
N ASP C 72 -8.47 -33.00 23.87
CA ASP C 72 -7.03 -33.09 24.22
C ASP C 72 -6.54 -31.78 24.85
N VAL C 73 -6.95 -30.63 24.29
CA VAL C 73 -6.59 -29.32 24.91
C VAL C 73 -7.26 -29.25 26.27
N MET C 74 -8.53 -29.65 26.34
CA MET C 74 -9.22 -29.69 27.65
C MET C 74 -8.65 -30.90 28.37
N LYS C 75 -8.98 -31.10 29.64
CA LYS C 75 -8.48 -32.31 30.35
C LYS C 75 -6.96 -32.21 30.45
N SER C 76 -6.42 -30.99 30.37
CA SER C 76 -4.96 -30.79 30.55
C SER C 76 -4.74 -29.87 31.74
N LEU C 77 -3.78 -30.22 32.58
CA LEU C 77 -3.45 -29.35 33.74
C LEU C 77 -2.84 -28.06 33.18
N THR C 78 -2.35 -28.12 31.95
CA THR C 78 -1.79 -26.91 31.28
C THR C 78 -2.55 -26.73 29.98
N PRO C 79 -3.83 -26.30 30.01
CA PRO C 79 -4.62 -26.23 28.79
C PRO C 79 -4.21 -25.09 27.86
N GLY C 80 -3.91 -23.92 28.42
CA GLY C 80 -3.45 -22.82 27.57
C GLY C 80 -2.16 -23.16 26.85
N GLN C 81 -1.22 -23.79 27.55
CA GLN C 81 -0.02 -24.33 26.91
C GLN C 81 -0.38 -25.18 25.69
N GLN C 82 -1.44 -25.98 25.80
CA GLN C 82 -1.84 -26.84 24.68
C GLN C 82 -2.47 -26.04 23.55
N VAL C 83 -3.36 -25.09 23.88
CA VAL C 83 -3.92 -24.20 22.87
C VAL C 83 -2.82 -23.55 22.06
N ILE C 84 -1.81 -23.03 22.75
CA ILE C 84 -0.74 -22.28 22.09
C ILE C 84 0.13 -23.21 21.26
N LYS C 85 0.33 -24.43 21.72
CA LYS C 85 1.11 -25.40 20.97
C LYS C 85 0.39 -25.86 19.71
N VAL C 86 -0.95 -25.85 19.73
CA VAL C 86 -1.73 -26.02 18.50
C VAL C 86 -1.41 -24.90 17.50
N VAL C 87 -1.46 -23.67 17.98
CA VAL C 87 -1.23 -22.52 17.07
C VAL C 87 0.16 -22.69 16.46
N GLN C 88 1.15 -23.06 17.28
CA GLN C 88 2.54 -23.14 16.77
C GLN C 88 2.63 -24.21 15.68
N GLU C 89 1.98 -25.34 15.89
CA GLU C 89 2.14 -26.44 14.91
C GLU C 89 1.56 -25.99 13.57
N GLU C 90 0.38 -25.38 13.63
CA GLU C 90 -0.29 -24.95 12.37
C GLU C 90 0.55 -23.87 11.69
N LEU C 91 1.15 -22.98 12.48
CA LEU C 91 2.04 -21.96 11.86
C LEU C 91 3.21 -22.67 11.17
N THR C 92 3.80 -23.68 11.81
CA THR C 92 4.98 -24.32 11.20
C THR C 92 4.55 -24.96 9.87
N GLU C 93 3.39 -25.61 9.87
CA GLU C 93 2.92 -26.29 8.64
C GLU C 93 2.70 -25.24 7.55
N LEU C 94 2.18 -24.07 7.92
CA LEU C 94 1.86 -23.01 6.93
C LEU C 94 3.14 -22.59 6.21
N MET C 95 4.25 -22.52 6.94
CA MET C 95 5.51 -22.03 6.35
C MET C 95 6.30 -23.22 5.78
N GLY C 96 5.70 -24.41 5.79
CA GLY C 96 6.35 -25.62 5.28
C GLY C 96 6.56 -26.60 6.41
N GLY C 97 6.36 -27.89 6.20
CA GLY C 97 6.44 -28.80 7.36
C GLY C 97 7.81 -28.81 7.98
N GLU C 98 8.86 -28.84 7.18
CA GLU C 98 10.23 -28.96 7.72
C GLU C 98 11.21 -28.39 6.70
N GLU C 99 12.46 -28.18 7.11
CA GLU C 99 13.46 -27.56 6.21
C GLU C 99 13.52 -28.31 4.88
N SER C 100 13.57 -27.60 3.76
CA SER C 100 13.79 -28.29 2.47
C SER C 100 15.30 -28.22 2.21
N LYS C 101 15.95 -29.37 2.02
CA LYS C 101 17.42 -29.37 1.88
C LYS C 101 17.78 -29.03 0.43
N ILE C 102 18.97 -28.46 0.22
CA ILE C 102 19.37 -28.14 -1.14
C ILE C 102 19.56 -29.45 -1.88
N VAL C 104 21.24 -32.05 -4.09
CA VAL C 104 22.54 -32.44 -4.64
C VAL C 104 22.24 -33.56 -5.63
N ALA C 105 22.19 -33.23 -6.92
CA ALA C 105 21.86 -34.24 -7.91
C ALA C 105 23.02 -35.22 -8.09
N LYS C 106 22.71 -36.44 -8.57
CA LYS C 106 23.75 -37.50 -8.69
C LYS C 106 24.72 -37.12 -9.82
N ARG C 107 24.30 -36.25 -10.72
CA ARG C 107 25.17 -35.89 -11.88
C ARG C 107 25.93 -34.60 -11.55
N PRO C 108 27.26 -34.60 -11.32
CA PRO C 108 27.99 -33.33 -11.16
C PRO C 108 28.06 -32.77 -12.59
N PRO C 109 27.99 -31.45 -12.81
CA PRO C 109 27.76 -30.48 -11.73
C PRO C 109 26.28 -30.14 -11.51
N THR C 110 25.86 -30.11 -10.26
CA THR C 110 24.46 -29.76 -9.92
C THR C 110 24.23 -28.32 -10.37
N VAL C 111 23.11 -28.05 -11.03
CA VAL C 111 22.91 -26.70 -11.61
C VAL C 111 21.85 -25.95 -10.79
N ILE C 112 22.21 -24.76 -10.31
CA ILE C 112 21.21 -23.93 -9.58
C ILE C 112 21.01 -22.66 -10.39
N MET C 113 19.77 -22.37 -10.77
CA MET C 113 19.47 -21.17 -11.58
C MET C 113 18.70 -20.19 -10.69
N MET C 114 19.20 -18.96 -10.53
CA MET C 114 18.55 -17.98 -9.61
C MET C 114 17.77 -16.98 -10.47
N VAL C 115 16.45 -16.91 -10.30
CA VAL C 115 15.62 -16.04 -11.18
C VAL C 115 14.93 -14.95 -10.35
N GLY C 116 14.31 -13.96 -11.01
CA GLY C 116 13.55 -12.95 -10.27
C GLY C 116 13.50 -11.59 -10.95
N LEU C 117 12.76 -10.65 -10.37
CA LEU C 117 12.68 -9.28 -10.92
C LEU C 117 13.88 -8.48 -10.40
N GLN C 118 14.15 -7.32 -11.00
CA GLN C 118 15.33 -6.49 -10.59
C GLN C 118 15.10 -5.91 -9.19
N GLY C 119 16.16 -5.80 -8.39
CA GLY C 119 16.05 -5.16 -7.07
C GLY C 119 15.69 -6.15 -5.98
N ALA C 120 15.37 -7.38 -6.36
CA ALA C 120 15.11 -8.43 -5.37
C ALA C 120 16.40 -8.76 -4.62
N GLY C 121 17.54 -8.69 -5.31
CA GLY C 121 18.81 -9.11 -4.67
C GLY C 121 19.36 -10.37 -5.32
N LYS C 122 19.02 -10.63 -6.58
CA LYS C 122 19.45 -11.89 -7.20
C LYS C 122 20.97 -11.99 -7.20
N THR C 123 21.66 -10.93 -7.62
CA THR C 123 23.14 -11.00 -7.73
C THR C 123 23.77 -11.19 -6.35
N THR C 124 23.32 -10.42 -5.37
CA THR C 124 23.91 -10.48 -4.01
C THR C 124 23.63 -11.87 -3.44
N THR C 125 22.41 -12.37 -3.63
CA THR C 125 22.03 -13.67 -3.03
C THR C 125 22.92 -14.77 -3.61
N SER C 126 23.26 -14.66 -4.88
CA SER C 126 24.12 -15.69 -5.53
C SER C 126 25.41 -15.88 -4.73
N GLY C 127 26.11 -14.79 -4.43
CA GLY C 127 27.37 -14.87 -3.69
C GLY C 127 27.17 -15.39 -2.28
N LYS C 128 26.11 -14.96 -1.61
CA LYS C 128 25.85 -15.39 -0.22
C LYS C 128 25.66 -16.90 -0.24
N LEU C 129 25.08 -17.43 -1.32
CA LEU C 129 24.83 -18.88 -1.43
C LEU C 129 26.18 -19.60 -1.58
N ALA C 130 27.11 -19.00 -2.33
CA ALA C 130 28.42 -19.64 -2.57
C ALA C 130 29.16 -19.79 -1.24
N ASN C 131 29.22 -18.71 -0.45
CA ASN C 131 29.88 -18.80 0.86
C ASN C 131 29.24 -19.95 1.64
N LEU C 132 27.91 -20.00 1.66
CA LEU C 132 27.20 -21.06 2.40
C LEU C 132 27.53 -22.40 1.76
N LEU C 133 27.55 -22.44 0.44
CA LEU C 133 27.80 -23.73 -0.27
C LEU C 133 29.19 -24.20 0.15
N ARG C 134 30.14 -23.28 0.32
CA ARG C 134 31.48 -23.67 0.84
C ARG C 134 31.34 -24.23 2.25
N LYS C 135 30.54 -23.60 3.10
CA LYS C 135 30.40 -24.05 4.52
C LYS C 135 29.79 -25.44 4.55
N LYS C 136 28.81 -25.70 3.69
CA LYS C 136 28.11 -27.00 3.75
C LYS C 136 28.70 -27.95 2.71
N HIS C 137 29.35 -29.04 3.17
CA HIS C 137 29.95 -30.07 2.27
C HIS C 137 31.27 -29.58 1.69
N ASN C 138 31.73 -28.38 2.08
CA ASN C 138 33.06 -27.88 1.66
C ASN C 138 33.13 -27.94 0.13
N ARG C 139 32.00 -27.67 -0.53
CA ARG C 139 31.97 -27.78 -2.01
C ARG C 139 32.66 -26.57 -2.62
N LYS C 140 33.13 -26.68 -3.86
CA LYS C 140 33.71 -25.49 -4.54
C LYS C 140 32.71 -25.03 -5.60
N PRO C 141 32.01 -23.90 -5.38
CA PRO C 141 31.02 -23.43 -6.33
C PRO C 141 31.61 -22.51 -7.40
N MET C 142 30.86 -22.29 -8.48
CA MET C 142 31.32 -21.39 -9.57
C MET C 142 30.18 -20.44 -9.91
N LEU C 143 30.40 -19.12 -9.81
CA LEU C 143 29.36 -18.12 -10.15
C LEU C 143 29.33 -17.91 -11.67
N VAL C 144 28.16 -17.62 -12.24
CA VAL C 144 28.07 -17.34 -13.70
C VAL C 144 27.36 -16.00 -13.88
N ALA C 145 27.96 -15.09 -14.65
CA ALA C 145 27.31 -13.79 -14.93
C ALA C 145 26.44 -13.87 -16.18
N ALA C 146 25.30 -14.57 -16.10
CA ALA C 146 24.36 -14.63 -17.24
C ALA C 146 23.75 -13.25 -17.51
N ASP C 147 23.50 -12.47 -16.46
CA ASP C 147 22.79 -11.17 -16.63
C ASP C 147 23.56 -10.27 -17.59
N ILE C 148 22.85 -9.66 -18.54
CA ILE C 148 23.46 -8.73 -19.53
C ILE C 148 22.44 -7.60 -19.70
N TYR C 149 22.81 -6.50 -20.36
CA TYR C 149 21.91 -5.33 -20.58
C TYR C 149 21.98 -4.41 -19.36
N ARG C 150 22.84 -4.74 -18.40
CA ARG C 150 23.03 -3.82 -17.25
C ARG C 150 24.53 -3.54 -17.16
N PRO C 151 24.96 -2.26 -17.14
CA PRO C 151 26.36 -1.95 -16.95
C PRO C 151 26.77 -2.45 -15.56
N ALA C 152 27.91 -3.14 -15.46
CA ALA C 152 28.46 -3.55 -14.13
C ALA C 152 27.69 -4.72 -13.54
N ALA C 153 26.74 -5.32 -14.26
CA ALA C 153 26.10 -6.53 -13.69
C ALA C 153 27.19 -7.57 -13.57
N ILE C 154 28.01 -7.70 -14.62
CA ILE C 154 29.13 -8.67 -14.60
C ILE C 154 30.13 -8.23 -13.53
N LYS C 155 30.42 -6.94 -13.47
CA LYS C 155 31.45 -6.44 -12.53
C LYS C 155 30.99 -6.71 -11.11
N GLN C 156 29.70 -6.54 -10.85
CA GLN C 156 29.21 -6.69 -9.45
C GLN C 156 29.50 -8.12 -9.00
N LEU C 157 29.18 -9.10 -9.84
CA LEU C 157 29.43 -10.51 -9.48
C LEU C 157 30.93 -10.72 -9.29
N GLU C 158 31.74 -10.12 -10.18
CA GLU C 158 33.20 -10.33 -10.11
C GLU C 158 33.73 -9.77 -8.79
N THR C 159 33.23 -8.62 -8.37
CA THR C 159 33.69 -7.99 -7.10
C THR C 159 33.34 -8.92 -5.94
N LEU C 160 32.15 -9.51 -5.95
CA LEU C 160 31.76 -10.46 -4.89
C LEU C 160 32.71 -11.66 -4.96
N GLY C 161 32.99 -12.12 -6.18
CA GLY C 161 33.92 -13.24 -6.37
C GLY C 161 35.31 -12.88 -5.88
N LYS C 162 35.76 -11.66 -6.14
CA LYS C 162 37.07 -11.20 -5.63
C LYS C 162 37.03 -11.17 -4.11
N GLN C 163 35.91 -10.70 -3.53
CA GLN C 163 35.78 -10.60 -2.06
C GLN C 163 35.87 -12.01 -1.49
N LEU C 164 35.23 -12.96 -2.15
CA LEU C 164 35.35 -14.38 -1.75
C LEU C 164 36.50 -14.99 -2.55
N ASP C 165 36.68 -16.31 -2.49
CA ASP C 165 37.69 -16.96 -3.36
C ASP C 165 36.92 -17.49 -4.56
N MET C 166 35.62 -17.21 -4.62
CA MET C 166 34.77 -17.79 -5.68
C MET C 166 35.17 -17.29 -7.06
N PRO C 167 35.16 -18.16 -8.08
CA PRO C 167 35.44 -17.74 -9.45
C PRO C 167 34.15 -17.42 -10.21
N VAL C 168 34.14 -16.32 -10.95
CA VAL C 168 32.95 -15.97 -11.77
C VAL C 168 33.30 -16.17 -13.25
N PHE C 169 32.43 -16.83 -14.00
CA PHE C 169 32.65 -17.03 -15.45
C PHE C 169 31.85 -15.99 -16.25
N SER C 170 32.53 -15.14 -17.00
CA SER C 170 31.83 -14.16 -17.85
C SER C 170 32.29 -14.26 -19.31
N LEU C 171 31.35 -14.26 -20.26
CA LEU C 171 31.72 -14.27 -21.70
C LEU C 171 31.59 -12.84 -22.24
N GLY C 172 31.28 -11.88 -21.37
CA GLY C 172 31.19 -10.47 -21.79
C GLY C 172 29.81 -10.11 -22.30
N ASP C 173 29.53 -8.82 -22.48
CA ASP C 173 28.23 -8.38 -23.02
C ASP C 173 28.11 -8.87 -24.46
N GLN C 174 26.94 -9.40 -24.85
CA GLN C 174 26.71 -9.89 -26.23
C GLN C 174 27.76 -10.94 -26.60
N SER C 176 24.87 -13.80 -26.07
CA SER C 176 23.62 -14.58 -25.88
C SER C 176 23.70 -15.33 -24.55
N PRO C 177 22.64 -15.30 -23.71
CA PRO C 177 22.70 -15.91 -22.39
C PRO C 177 22.98 -17.43 -22.42
N VAL C 178 22.35 -18.14 -23.36
CA VAL C 178 22.50 -19.63 -23.39
C VAL C 178 23.97 -19.98 -23.60
N GLU C 179 24.68 -19.22 -24.45
CA GLU C 179 26.09 -19.56 -24.76
C GLU C 179 26.90 -19.48 -23.48
N ILE C 180 26.67 -18.44 -22.69
CA ILE C 180 27.50 -18.25 -21.47
C ILE C 180 27.29 -19.47 -20.58
N ALA C 181 26.02 -19.87 -20.42
CA ALA C 181 25.71 -21.00 -19.50
C ALA C 181 26.33 -22.29 -20.01
N LYS C 182 26.20 -22.56 -21.31
CA LYS C 182 26.70 -23.86 -21.83
C LYS C 182 28.21 -23.92 -21.65
N GLN C 183 28.89 -22.83 -21.95
CA GLN C 183 30.36 -22.82 -21.83
C GLN C 183 30.69 -23.05 -20.35
N ALA C 184 29.91 -22.43 -19.47
CA ALA C 184 30.21 -22.53 -18.03
C ALA C 184 30.10 -23.98 -17.55
N ILE C 185 29.08 -24.72 -17.99
CA ILE C 185 28.92 -26.09 -17.42
C ILE C 185 30.12 -26.96 -17.81
N GLU C 186 30.57 -26.87 -19.06
CA GLU C 186 31.71 -27.71 -19.50
C GLU C 186 32.93 -27.27 -18.71
N LYS C 187 33.11 -25.96 -18.55
CA LYS C 187 34.33 -25.46 -17.86
C LYS C 187 34.30 -25.98 -16.43
N ALA C 188 33.13 -25.96 -15.80
CA ALA C 188 32.98 -26.43 -14.41
C ALA C 188 33.24 -27.94 -14.32
N LYS C 189 32.71 -28.69 -15.29
CA LYS C 189 32.91 -30.17 -15.29
C LYS C 189 34.40 -30.43 -15.12
N GLU C 190 35.21 -29.72 -15.91
CA GLU C 190 36.68 -29.86 -15.77
C GLU C 190 37.11 -29.15 -14.48
N GLU C 191 37.99 -29.77 -13.71
CA GLU C 191 38.54 -29.11 -12.48
C GLU C 191 37.44 -28.97 -11.42
N ASP C 194 31.09 -27.82 -6.26
CA ASP C 194 30.46 -28.94 -7.01
C ASP C 194 29.17 -28.41 -7.64
N TYR C 195 28.97 -27.10 -7.65
CA TYR C 195 27.69 -26.55 -8.14
C TYR C 195 27.91 -25.40 -9.11
N VAL C 196 26.95 -25.15 -10.01
CA VAL C 196 27.04 -23.98 -10.94
C VAL C 196 25.91 -23.03 -10.59
N ILE C 197 26.23 -21.78 -10.24
CA ILE C 197 25.18 -20.83 -9.79
C ILE C 197 24.97 -19.79 -10.90
N LEU C 198 23.74 -19.60 -11.35
CA LEU C 198 23.48 -18.69 -12.49
C LEU C 198 22.67 -17.47 -12.06
N ASP C 199 23.13 -16.26 -12.40
CA ASP C 199 22.37 -15.02 -12.07
C ASP C 199 21.63 -14.56 -13.34
N THR C 200 20.30 -14.54 -13.30
CA THR C 200 19.51 -14.22 -14.53
C THR C 200 19.26 -12.73 -14.70
N ALA C 201 18.54 -12.36 -15.77
CA ALA C 201 18.31 -10.93 -16.08
C ALA C 201 17.18 -10.38 -15.22
N GLY C 202 17.17 -9.06 -15.02
CA GLY C 202 16.16 -8.45 -14.15
C GLY C 202 15.41 -7.30 -14.80
N ARG C 203 14.09 -7.29 -14.65
CA ARG C 203 13.28 -6.18 -15.19
C ARG C 203 12.29 -5.74 -14.11
N LEU C 204 11.81 -4.50 -14.19
CA LEU C 204 10.85 -3.97 -13.19
C LEU C 204 9.59 -4.80 -13.23
N HIS C 205 9.18 -5.23 -14.42
CA HIS C 205 7.98 -6.08 -14.56
C HIS C 205 8.35 -7.33 -15.35
N ILE C 206 7.59 -8.41 -15.21
CA ILE C 206 7.85 -9.64 -16.01
C ILE C 206 7.63 -9.31 -17.48
N ASP C 207 8.50 -9.81 -18.36
CA ASP C 207 8.40 -9.54 -19.82
C ASP C 207 8.26 -10.89 -20.52
N HIS C 208 7.52 -10.92 -21.64
CA HIS C 208 7.40 -12.17 -22.42
C HIS C 208 8.81 -12.58 -22.86
N GLU C 209 9.62 -11.62 -23.27
CA GLU C 209 11.03 -11.93 -23.65
C GLU C 209 11.71 -12.60 -22.47
N LEU C 210 11.55 -12.03 -21.27
CA LEU C 210 12.25 -12.56 -20.07
C LEU C 210 11.84 -14.03 -19.92
N MET C 211 10.56 -14.30 -20.13
CA MET C 211 10.07 -15.70 -20.03
C MET C 211 10.79 -16.53 -21.08
N ASP C 212 10.90 -16.02 -22.32
CA ASP C 212 11.48 -16.82 -23.42
C ASP C 212 12.95 -17.14 -23.13
N GLU C 213 13.72 -16.16 -22.69
CA GLU C 213 15.16 -16.38 -22.42
C GLU C 213 15.29 -17.38 -21.28
N LEU C 214 14.44 -17.20 -20.25
CA LEU C 214 14.44 -18.16 -19.13
C LEU C 214 14.01 -19.53 -19.66
N THR C 215 13.02 -19.56 -20.55
CA THR C 215 12.51 -20.83 -21.11
C THR C 215 13.65 -21.52 -21.85
N ASN C 216 14.49 -20.74 -22.53
CA ASN C 216 15.58 -21.35 -23.32
C ASN C 216 16.41 -22.16 -22.33
N LYS C 218 18.05 -23.35 -19.73
CA LYS C 218 16.92 -24.16 -19.20
C LYS C 218 16.63 -25.30 -20.18
N GLU C 219 16.30 -24.98 -21.43
CA GLU C 219 16.15 -26.04 -22.44
C GLU C 219 17.54 -26.64 -22.65
N ILE C 220 18.56 -25.77 -22.71
CA ILE C 220 19.95 -26.25 -22.92
C ILE C 220 20.37 -27.09 -21.71
N ALA C 221 20.08 -26.63 -20.50
CA ALA C 221 20.38 -27.43 -19.30
C ALA C 221 19.14 -27.46 -18.41
N ASN C 222 18.67 -28.65 -18.05
CA ASN C 222 17.55 -28.69 -17.09
C ASN C 222 18.19 -28.58 -15.71
N PRO C 223 18.11 -27.42 -15.02
CA PRO C 223 18.79 -27.24 -13.74
C PRO C 223 18.05 -28.03 -12.67
N GLU C 224 18.80 -28.56 -11.70
CA GLU C 224 18.17 -29.35 -10.63
C GLU C 224 17.48 -28.41 -9.65
N GLU C 225 17.86 -27.13 -9.61
CA GLU C 225 17.14 -26.22 -8.74
C GLU C 225 16.94 -24.89 -9.47
N ILE C 226 15.77 -24.30 -9.28
CA ILE C 226 15.43 -23.01 -9.87
C ILE C 226 14.85 -22.16 -8.74
N PHE C 227 15.63 -21.18 -8.28
CA PHE C 227 15.31 -20.42 -7.07
C PHE C 227 14.77 -19.05 -7.46
N LEU C 228 13.58 -18.73 -6.96
CA LEU C 228 13.06 -17.37 -7.09
C LEU C 228 13.59 -16.52 -5.93
N VAL C 229 14.41 -15.53 -6.27
CA VAL C 229 14.74 -14.44 -5.35
C VAL C 229 13.64 -13.40 -5.40
N VAL C 230 13.03 -13.13 -4.26
CA VAL C 230 11.90 -12.21 -4.18
C VAL C 230 11.99 -11.43 -2.88
N ASP C 231 11.65 -10.14 -2.96
CA ASP C 231 11.78 -9.20 -1.85
C ASP C 231 10.62 -9.39 -0.87
N SER C 232 10.94 -9.81 0.36
CA SER C 232 9.90 -10.06 1.34
C SER C 232 9.22 -8.79 1.83
N MET C 233 9.86 -7.63 1.65
CA MET C 233 9.25 -6.37 2.07
C MET C 233 8.15 -5.91 1.12
N THR C 234 8.02 -6.52 -0.05
CA THR C 234 6.88 -6.28 -0.94
C THR C 234 5.67 -7.10 -0.51
N GLY C 235 5.87 -7.99 0.47
CA GLY C 235 4.78 -8.71 1.08
C GLY C 235 3.92 -9.49 0.09
N GLN C 236 2.61 -9.34 0.25
CA GLN C 236 1.62 -10.02 -0.56
C GLN C 236 1.80 -9.84 -2.07
N ASP C 237 2.62 -8.86 -2.50
CA ASP C 237 3.07 -8.77 -3.89
C ASP C 237 4.06 -9.88 -4.21
N ALA C 238 4.96 -10.20 -3.27
CA ALA C 238 5.96 -11.25 -3.50
C ALA C 238 5.31 -12.59 -3.76
N VAL C 239 4.16 -12.84 -3.15
CA VAL C 239 3.42 -14.08 -3.40
C VAL C 239 2.96 -14.14 -4.85
N ASN C 240 2.52 -13.01 -5.40
CA ASN C 240 2.04 -12.99 -6.78
C ASN C 240 3.19 -13.21 -7.76
N VAL C 241 4.35 -12.59 -7.50
CA VAL C 241 5.53 -12.84 -8.34
C VAL C 241 5.89 -14.32 -8.33
N ALA C 242 5.78 -14.96 -7.16
CA ALA C 242 6.03 -16.39 -7.08
C ALA C 242 5.00 -17.19 -7.87
N LYS C 243 3.74 -16.76 -7.82
CA LYS C 243 2.70 -17.45 -8.59
C LYS C 243 3.00 -17.39 -10.08
N SER C 244 3.30 -16.19 -10.59
CA SER C 244 3.55 -16.03 -12.01
C SER C 244 4.73 -16.88 -12.46
N PHE C 245 5.84 -16.85 -11.72
CA PHE C 245 7.02 -17.61 -12.11
C PHE C 245 6.77 -19.11 -12.07
N ASN C 246 5.94 -19.58 -11.13
CA ASN C 246 5.74 -21.03 -10.99
C ASN C 246 4.85 -21.60 -12.08
N GLU C 247 3.88 -20.83 -12.58
CA GLU C 247 3.05 -21.32 -13.68
C GLU C 247 3.84 -21.31 -14.99
N GLN C 248 4.60 -20.25 -15.23
CA GLN C 248 5.34 -20.12 -16.48
C GLN C 248 6.56 -21.01 -16.51
N LEU C 249 7.28 -21.12 -15.39
CA LEU C 249 8.48 -21.93 -15.29
C LEU C 249 8.41 -22.78 -14.02
N GLY C 250 9.12 -23.90 -14.02
CA GLY C 250 9.10 -24.78 -12.87
C GLY C 250 10.01 -24.36 -11.73
N LEU C 251 9.46 -23.63 -10.76
CA LEU C 251 10.23 -23.29 -9.57
C LEU C 251 10.35 -24.49 -8.64
N THR C 252 11.52 -24.64 -8.04
CA THR C 252 11.73 -25.65 -7.01
C THR C 252 11.94 -25.07 -5.62
N GLY C 253 12.23 -23.78 -5.51
CA GLY C 253 12.44 -23.14 -4.23
C GLY C 253 12.25 -21.65 -4.32
N VAL C 254 12.33 -21.00 -3.15
CA VAL C 254 12.22 -19.55 -3.03
C VAL C 254 13.25 -19.07 -2.02
N VAL C 255 13.88 -17.95 -2.32
CA VAL C 255 14.72 -17.22 -1.36
C VAL C 255 14.05 -15.89 -1.10
N LEU C 256 13.55 -15.70 0.12
CA LEU C 256 13.04 -14.40 0.54
C LEU C 256 14.20 -13.54 1.01
N THR C 257 14.37 -12.38 0.40
CA THR C 257 15.41 -11.45 0.79
C THR C 257 14.84 -10.35 1.67
N LYS C 258 15.73 -9.67 2.39
CA LYS C 258 15.40 -8.50 3.20
C LYS C 258 14.42 -8.84 4.33
N LEU C 259 14.54 -10.04 4.89
CA LEU C 259 13.74 -10.39 6.05
C LEU C 259 14.09 -9.52 7.25
N ASP C 260 15.35 -9.04 7.32
CA ASP C 260 15.72 -8.11 8.37
C ASP C 260 14.89 -6.83 8.32
N GLY C 261 14.25 -6.55 7.19
CA GLY C 261 13.41 -5.39 7.06
C GLY C 261 11.91 -5.66 7.07
N ASP C 262 11.52 -6.93 7.01
CA ASP C 262 10.10 -7.28 6.99
C ASP C 262 9.55 -7.28 8.41
N THR C 263 8.79 -6.24 8.74
CA THR C 263 8.07 -6.12 10.00
C THR C 263 6.81 -6.98 10.07
N ARG C 264 6.32 -7.50 8.95
CA ARG C 264 5.03 -8.18 8.94
C ARG C 264 5.16 -9.69 8.73
N GLY C 265 5.72 -10.13 7.61
CA GLY C 265 5.88 -11.55 7.36
C GLY C 265 4.74 -12.21 6.61
N GLY C 266 3.90 -11.43 5.93
CA GLY C 266 2.80 -12.01 5.19
C GLY C 266 3.28 -12.88 4.03
N ALA C 267 4.38 -12.49 3.39
CA ALA C 267 4.92 -13.29 2.30
C ALA C 267 5.35 -14.67 2.79
N ALA C 268 6.19 -14.70 3.84
CA ALA C 268 6.68 -15.96 4.37
C ALA C 268 5.57 -16.88 4.85
N LEU C 269 4.41 -16.33 5.20
CA LEU C 269 3.31 -17.13 5.71
C LEU C 269 2.31 -17.55 4.64
N SER C 270 2.48 -17.07 3.39
CA SER C 270 1.50 -17.31 2.35
C SER C 270 2.03 -18.04 1.13
N ILE C 271 3.35 -18.03 0.89
CA ILE C 271 3.87 -18.52 -0.38
C ILE C 271 3.58 -20.01 -0.56
N ARG C 272 3.84 -20.82 0.47
CA ARG C 272 3.56 -22.26 0.36
C ARG C 272 2.11 -22.51 -0.03
N ALA C 273 1.17 -21.95 0.73
CA ALA C 273 -0.24 -22.26 0.52
C ALA C 273 -0.70 -21.86 -0.88
N VAL C 274 -0.12 -20.81 -1.46
CA VAL C 274 -0.57 -20.35 -2.76
C VAL C 274 0.10 -21.12 -3.90
N THR C 275 1.35 -21.56 -3.73
CA THR C 275 2.14 -22.06 -4.84
C THR C 275 2.81 -23.41 -4.63
N ASN C 276 2.69 -24.02 -3.46
CA ASN C 276 3.38 -25.29 -3.14
C ASN C 276 4.90 -25.19 -3.29
N THR C 277 5.45 -23.98 -3.31
CA THR C 277 6.89 -23.94 -3.49
C THR C 277 7.56 -23.69 -2.15
N PRO C 278 8.54 -24.49 -1.77
CA PRO C 278 9.18 -24.29 -0.45
C PRO C 278 10.11 -23.10 -0.47
N ILE C 279 10.20 -22.44 0.67
CA ILE C 279 11.21 -21.40 0.88
C ILE C 279 12.43 -22.06 1.51
N LYS C 280 13.58 -21.88 0.87
CA LYS C 280 14.79 -22.57 1.31
C LYS C 280 15.76 -21.69 2.08
N PHE C 281 15.82 -20.39 1.76
CA PHE C 281 16.76 -19.50 2.43
C PHE C 281 16.10 -18.16 2.68
N ALA C 282 16.61 -17.47 3.69
CA ALA C 282 16.21 -16.11 4.02
C ALA C 282 17.43 -15.22 4.04
N GLY C 283 17.40 -14.13 3.27
CA GLY C 283 18.43 -13.12 3.32
C GLY C 283 18.11 -12.16 4.45
N LEU C 284 19.07 -11.99 5.37
CA LEU C 284 18.87 -11.17 6.55
C LEU C 284 19.86 -10.01 6.63
N GLY C 285 20.50 -9.67 5.52
CA GLY C 285 21.50 -8.63 5.58
C GLY C 285 22.01 -8.28 4.20
N GLU C 286 22.57 -7.08 4.13
CA GLU C 286 23.25 -6.51 2.99
C GLU C 286 24.57 -7.22 2.71
N LYS C 287 24.95 -8.17 3.56
CA LYS C 287 26.32 -8.60 3.70
C LYS C 287 26.43 -10.10 3.51
N LEU C 288 27.53 -10.56 2.89
CA LEU C 288 27.54 -11.90 2.29
C LEU C 288 27.33 -13.01 3.31
N ASP C 289 27.68 -12.78 4.58
CA ASP C 289 27.46 -13.81 5.59
C ASP C 289 25.97 -14.06 5.80
N ALA C 290 25.14 -13.05 5.55
CA ALA C 290 23.76 -13.03 6.04
C ALA C 290 22.84 -13.82 5.10
N LEU C 291 22.91 -15.14 5.23
CA LEU C 291 21.97 -16.02 4.48
C LEU C 291 21.85 -17.27 5.32
N GLU C 292 20.64 -17.59 5.78
CA GLU C 292 20.47 -18.74 6.69
C GLU C 292 19.38 -19.64 6.13
N PRO C 293 19.43 -20.96 6.39
CA PRO C 293 18.38 -21.84 5.94
C PRO C 293 17.06 -21.47 6.60
N PHE C 294 15.96 -21.63 5.87
CA PHE C 294 14.63 -21.29 6.43
C PHE C 294 14.14 -22.49 7.21
N HIS C 295 14.01 -22.33 8.53
CA HIS C 295 13.46 -23.42 9.36
C HIS C 295 12.08 -23.01 9.83
N PRO C 296 11.02 -23.73 9.42
CA PRO C 296 9.66 -23.34 9.76
C PRO C 296 9.35 -23.33 11.26
N GLU C 297 9.78 -24.35 12.01
CA GLU C 297 9.38 -24.41 13.44
C GLU C 297 9.98 -23.23 14.19
N ARG C 298 11.24 -22.92 13.92
CA ARG C 298 11.93 -21.80 14.62
C ARG C 298 11.26 -20.49 14.26
N MET C 299 10.90 -20.33 12.99
CA MET C 299 10.27 -19.06 12.54
C MET C 299 8.94 -18.89 13.29
N ALA C 300 8.18 -19.97 13.41
CA ALA C 300 6.90 -19.91 14.15
C ALA C 300 7.17 -19.59 15.61
N SER C 301 8.23 -20.17 16.17
CA SER C 301 8.51 -19.97 17.61
C SER C 301 8.81 -18.49 17.87
N ARG C 302 9.52 -17.85 16.94
CA ARG C 302 9.79 -16.40 17.10
C ARG C 302 8.46 -15.64 17.07
N ILE C 303 7.58 -16.00 16.15
CA ILE C 303 6.31 -15.23 16.00
C ILE C 303 5.52 -15.33 17.30
N LEU C 304 5.46 -16.53 17.88
CA LEU C 304 4.62 -16.70 19.09
C LEU C 304 5.43 -16.32 20.32
N GLY C 305 6.70 -15.99 20.13
CA GLY C 305 7.52 -15.53 21.26
C GLY C 305 7.79 -16.60 22.28
N MET C 306 7.63 -17.87 21.91
CA MET C 306 7.99 -18.92 22.85
C MET C 306 9.48 -19.21 22.85
N GLY C 307 10.14 -19.00 21.72
CA GLY C 307 11.51 -19.42 21.57
C GLY C 307 11.63 -20.92 21.36
N ASP C 308 12.88 -21.39 21.44
CA ASP C 308 13.22 -22.80 21.24
C ASP C 308 12.77 -23.29 19.87
PB G4P D . -16.28 -11.92 -10.74
O1B G4P D . -16.31 -10.45 -10.48
O2B G4P D . -15.03 -12.40 -11.39
O3B G4P D . -17.54 -12.45 -11.36
O3A G4P D . -16.18 -12.55 -9.28
PA G4P D . -16.66 -14.01 -8.86
O1A G4P D . -18.13 -14.00 -8.60
O2A G4P D . -16.05 -15.03 -9.76
O5' G4P D . -15.92 -14.13 -7.46
C5' G4P D . -14.50 -13.98 -7.43
C4' G4P D . -13.95 -14.48 -6.11
O4' G4P D . -14.41 -13.69 -5.03
C3' G4P D . -14.38 -15.89 -5.81
O3' G4P D . -13.25 -16.57 -5.30
C2' G4P D . -15.39 -15.78 -4.69
O2' G4P D . -15.31 -16.90 -3.81
C1' G4P D . -14.92 -14.52 -3.99
N9 G4P D . -15.96 -13.75 -3.28
C8 G4P D . -16.96 -13.05 -3.83
N7 G4P D . -17.70 -12.44 -2.88
C5 G4P D . -17.15 -12.75 -1.69
C6 G4P D . -17.43 -12.44 -0.28
O6 G4P D . -18.38 -11.73 0.05
N1 G4P D . -16.62 -12.96 0.64
C2 G4P D . -15.58 -13.74 0.32
N2 G4P D . -14.82 -14.22 1.32
N3 G4P D . -15.27 -14.07 -0.95
C4 G4P D . -16.00 -13.61 -1.98
PC G4P D . -12.31 -17.50 -6.21
O1C G4P D . -12.27 -17.00 -7.63
O2C G4P D . -12.73 -18.91 -5.94
O3C G4P D . -10.86 -17.34 -5.54
PD G4P D . -10.12 -15.94 -5.32
O1D G4P D . -8.67 -16.31 -5.24
O2D G4P D . -10.44 -15.12 -6.54
O3D G4P D . -10.70 -15.42 -4.04
MG MG E . -17.96 -13.24 -13.11
PB G4P F . -0.82 18.39 -11.24
O1B G4P F . -1.63 17.47 -12.11
O2B G4P F . -0.66 19.73 -11.92
O3B G4P F . 0.54 17.78 -10.99
O3A G4P F . -1.57 18.58 -9.80
PA G4P F . -2.85 19.58 -9.50
O1A G4P F . -2.37 21.00 -9.33
O2A G4P F . -3.83 19.51 -10.65
O5' G4P F . -3.58 19.06 -8.13
C5' G4P F . -3.86 17.70 -8.00
C4' G4P F . -4.82 17.52 -6.79
O4' G4P F . -4.12 17.47 -5.68
C3' G4P F . -5.74 18.75 -6.68
O3' G4P F . -7.04 18.44 -6.38
C2' G4P F . -5.17 19.57 -5.52
O2' G4P F . -6.30 20.26 -4.81
C1' G4P F . -4.61 18.69 -4.73
N9 G4P F . -3.48 19.25 -4.05
C8 G4P F . -2.34 19.83 -4.50
N7 G4P F . -1.60 20.17 -3.42
C5 G4P F . -2.25 19.79 -2.33
C6 G4P F . -1.92 19.90 -0.84
O6 G4P F . -0.91 20.40 -0.49
N1 G4P F . -2.83 19.40 0.13
C2 G4P F . -4.07 18.79 -0.28
N2 G4P F . -5.00 18.28 0.70
N3 G4P F . -4.38 18.69 -1.71
C4 G4P F . -3.42 19.21 -2.73
PC G4P F . -7.82 17.13 -7.01
O1C G4P F . -7.47 16.89 -8.46
O2C G4P F . -9.30 17.36 -6.90
O3C G4P F . -7.43 15.80 -6.11
PD G4P F . -8.18 14.35 -6.27
O1D G4P F . -7.80 13.46 -5.12
O2D G4P F . -9.67 14.55 -6.27
O3D G4P F . -7.75 13.70 -7.57
MG MG G . -0.77 20.50 -13.79
PB G4P H . 19.29 -7.54 -8.37
O1B G4P H . 20.56 -8.31 -8.67
O2B G4P H . 18.07 -8.40 -8.25
O3B G4P H . 19.12 -6.29 -9.19
O3A G4P H . 19.49 -6.97 -6.89
PA G4P H . 20.93 -6.63 -6.29
O1A G4P H . 21.70 -7.91 -6.07
O2A G4P H . 21.53 -5.52 -7.10
O5' G4P H . 20.55 -6.05 -4.85
C5' G4P H . 20.17 -4.70 -4.72
C4' G4P H . 20.19 -4.30 -3.25
O4' G4P H . 19.46 -5.25 -2.48
C3' G4P H . 21.59 -4.25 -2.67
O3' G4P H . 21.86 -2.96 -2.17
C2' G4P H . 21.57 -5.17 -1.47
O2' G4P H . 22.18 -4.50 -0.38
C1' G4P H . 20.10 -5.37 -1.21
N9 G4P H . 19.81 -6.67 -0.61
C8 G4P H . 19.74 -7.85 -1.25
N7 G4P H . 19.43 -8.85 -0.39
C5 G4P H . 19.31 -8.31 0.83
C6 G4P H . 19.00 -8.79 2.19
O6 G4P H . 18.79 -9.99 2.39
N1 G4P H . 18.96 -7.90 3.18
C2 G4P H . 19.19 -6.59 2.98
N2 G4P H . 19.14 -5.75 4.04
N3 G4P H . 19.48 -6.08 1.77
C4 G4P H . 19.56 -6.87 0.68
PC G4P H . 22.33 -1.75 -3.11
O1C G4P H . 22.91 -2.33 -4.37
O2C G4P H . 23.14 -0.81 -2.27
O3C G4P H . 20.92 -1.06 -3.44
PD G4P H . 20.69 -0.30 -4.83
O1D G4P H . 19.43 0.49 -4.58
O2D G4P H . 21.94 0.55 -4.99
O3D G4P H . 20.55 -1.39 -5.85
MG MG I . 21.76 -7.64 -10.98
#